data_5WCC
#
_entry.id   5WCC
#
_cell.length_a   179.217
_cell.length_b   70.581
_cell.length_c   94.543
_cell.angle_alpha   90.00
_cell.angle_beta   111.86
_cell.angle_gamma   90.00
#
_symmetry.space_group_name_H-M   'C 1 2 1'
#
loop_
_entity.id
_entity.type
_entity.pdbx_description
1 polymer 'VRC 315 02-1F07 Fab Heavy chain'
2 polymer 'VRC 315 02-1F07 Fab Light chain'
3 non-polymer 'SULFATE ION'
4 non-polymer 'POLYETHYLENE GLYCOL (N=34)'
5 non-polymer GLYCEROL
6 water water
#
loop_
_entity_poly.entity_id
_entity_poly.type
_entity_poly.pdbx_seq_one_letter_code
_entity_poly.pdbx_strand_id
1 'polypeptide(L)'
;EVQLVESGGGLIQPGGSLRLSCSASEFTVSGNYMTWVRQAPGKGLEWVSIIYTGGSTYYADSVKGRFSISRDDSRNTLYL
QMNSLRAEDTAVYYCARALKLQFFDWPSHAFDIWGQGTMVTVSSASTKGPSVFPLAPSSKSTSGGTAALGCLVKDYFPEP
VTVSWNSGALTSGVHTFPAVLQSSGLYSLSSVVTVPSSSLGTQTYICNVNHKPSNTKVDKKVEPKSC
;
H,A
2 'polypeptide(L)'
;QSALTQPPSASGSPGQSVTISCTGTRSDIDGYNYVSWYQQHPGKAPKLIISEVNKRPSGVPARFSGSKSGNRASLTVSGL
QTEDEADYYCSSYTDTNNFYVFGTGTKVTVLGQPKANPTVTLFPPSSEELQANKATLVCLISDFYPGAVTVAWKADSSPV
KAGVETTTPSKQSNNKYAASSYLSLTPEQWKSHRSYSCQVTHEGSTVEKTVAPTECS
;
L,B
#
# COMPACT_ATOMS: atom_id res chain seq x y z
N GLU A 1 17.75 31.09 -37.56
CA GLU A 1 18.76 30.89 -36.52
C GLU A 1 19.01 29.40 -36.28
N VAL A 2 20.20 29.08 -35.78
CA VAL A 2 20.58 27.69 -35.54
C VAL A 2 19.75 27.12 -34.41
N GLN A 3 19.19 25.93 -34.63
CA GLN A 3 18.31 25.31 -33.64
C GLN A 3 18.50 23.80 -33.62
N LEU A 4 18.25 23.22 -32.45
CA LEU A 4 18.13 21.78 -32.25
C LEU A 4 16.87 21.52 -31.43
N VAL A 5 16.08 20.54 -31.85
CA VAL A 5 14.78 20.25 -31.22
C VAL A 5 14.67 18.75 -31.06
N GLU A 6 14.74 18.28 -29.82
CA GLU A 6 14.65 16.84 -29.55
C GLU A 6 13.19 16.42 -29.48
N SER A 7 12.95 15.12 -29.70
CA SER A 7 11.62 14.57 -29.65
C SER A 7 11.70 13.07 -29.42
N GLY A 8 10.60 12.49 -28.92
CA GLY A 8 10.49 11.05 -28.75
C GLY A 8 10.35 10.57 -27.32
N GLY A 9 10.37 11.46 -26.32
CA GLY A 9 10.33 11.03 -24.94
C GLY A 9 8.92 10.83 -24.41
N GLY A 10 8.85 10.26 -23.21
CA GLY A 10 7.57 9.97 -22.60
C GLY A 10 7.70 8.83 -21.61
N LEU A 11 6.56 8.25 -21.25
CA LEU A 11 6.52 7.15 -20.31
C LEU A 11 6.82 5.84 -21.02
N ILE A 12 7.71 5.04 -20.43
CA ILE A 12 8.07 3.73 -20.98
C ILE A 12 8.40 2.82 -19.80
N GLN A 13 8.05 1.53 -19.96
CA GLN A 13 8.29 0.58 -18.88
C GLN A 13 9.76 0.17 -18.84
N PRO A 14 10.25 -0.22 -17.66
CA PRO A 14 11.61 -0.76 -17.58
C PRO A 14 11.77 -1.96 -18.51
N GLY A 15 12.95 -2.04 -19.14
CA GLY A 15 13.21 -3.05 -20.13
C GLY A 15 12.70 -2.74 -21.52
N GLY A 16 11.78 -1.80 -21.65
CA GLY A 16 11.26 -1.40 -22.94
C GLY A 16 12.29 -0.61 -23.72
N SER A 17 11.88 -0.25 -24.94
CA SER A 17 12.74 0.47 -25.86
C SER A 17 12.11 1.80 -26.25
N LEU A 18 12.96 2.77 -26.55
CA LEU A 18 12.53 4.11 -26.93
C LEU A 18 13.62 4.74 -27.78
N ARG A 19 13.23 5.46 -28.82
CA ARG A 19 14.18 6.12 -29.70
C ARG A 19 13.92 7.62 -29.68
N LEU A 20 14.94 8.40 -29.33
CA LEU A 20 14.90 9.84 -29.42
C LEU A 20 15.51 10.30 -30.74
N SER A 21 14.95 11.37 -31.30
CA SER A 21 15.41 11.96 -32.55
C SER A 21 15.88 13.39 -32.29
N CYS A 22 16.94 13.82 -32.99
CA CYS A 22 17.46 15.17 -32.83
C CYS A 22 17.54 15.82 -34.21
N SER A 23 16.55 16.64 -34.53
CA SER A 23 16.47 17.30 -35.82
C SER A 23 17.10 18.68 -35.73
N ALA A 24 17.95 19.01 -36.70
CA ALA A 24 18.65 20.28 -36.74
C ALA A 24 18.07 21.19 -37.83
N SER A 25 18.24 22.49 -37.65
CA SER A 25 17.78 23.47 -38.63
C SER A 25 18.84 24.55 -38.78
N GLU A 26 19.01 25.03 -40.01
CA GLU A 26 19.92 26.12 -40.38
C GLU A 26 21.39 25.74 -40.21
N PHE A 27 21.68 24.48 -39.87
CA PHE A 27 23.04 23.97 -39.86
C PHE A 27 22.97 22.46 -39.98
N THR A 28 24.05 21.87 -40.49
CA THR A 28 24.05 20.48 -40.89
C THR A 28 24.61 19.58 -39.79
N VAL A 29 24.01 18.39 -39.65
CA VAL A 29 24.51 17.40 -38.70
C VAL A 29 25.71 16.64 -39.26
N SER A 30 25.88 16.63 -40.60
CA SER A 30 26.87 15.75 -41.22
C SER A 30 28.29 16.08 -40.76
N GLY A 31 28.73 17.30 -40.99
CA GLY A 31 30.11 17.68 -40.70
C GLY A 31 30.32 18.22 -39.31
N ASN A 32 29.53 17.78 -38.33
CA ASN A 32 29.70 18.17 -36.95
C ASN A 32 29.77 16.94 -36.07
N TYR A 33 30.40 17.11 -34.91
CA TYR A 33 30.35 16.12 -33.84
C TYR A 33 29.12 16.39 -32.99
N MET A 34 28.33 15.34 -32.73
CA MET A 34 27.07 15.48 -32.02
C MET A 34 27.10 14.61 -30.77
N THR A 35 26.66 15.17 -29.64
CA THR A 35 26.62 14.48 -28.36
C THR A 35 25.19 14.36 -27.86
N TRP A 36 25.02 13.45 -26.90
CA TRP A 36 23.81 13.36 -26.10
C TRP A 36 24.19 13.55 -24.64
N VAL A 37 23.44 14.38 -23.93
CA VAL A 37 23.66 14.66 -22.52
C VAL A 37 22.32 14.58 -21.80
N ARG A 38 22.28 13.81 -20.71
CA ARG A 38 21.06 13.65 -19.94
C ARG A 38 21.23 14.23 -18.55
N GLN A 39 20.10 14.50 -17.89
CA GLN A 39 20.11 15.06 -16.55
C GLN A 39 18.92 14.50 -15.78
N ALA A 40 19.18 13.68 -14.78
CA ALA A 40 18.12 13.19 -13.93
C ALA A 40 17.49 14.35 -13.16
N PRO A 41 16.20 14.26 -12.83
CA PRO A 41 15.54 15.36 -12.12
C PRO A 41 16.22 15.69 -10.80
N GLY A 42 16.58 16.96 -10.64
CA GLY A 42 17.28 17.38 -9.45
C GLY A 42 18.72 16.91 -9.35
N LYS A 43 19.35 16.57 -10.47
CA LYS A 43 20.71 16.08 -10.45
C LYS A 43 21.58 16.80 -11.47
N GLY A 44 22.82 16.33 -11.66
CA GLY A 44 23.77 16.99 -12.53
C GLY A 44 23.77 16.44 -13.95
N LEU A 45 24.56 17.08 -14.79
CA LEU A 45 24.66 16.66 -16.19
C LEU A 45 25.51 15.40 -16.30
N GLU A 46 25.10 14.51 -17.19
CA GLU A 46 25.84 13.29 -17.49
C GLU A 46 25.94 13.11 -18.99
N TRP A 47 27.16 13.01 -19.50
CA TRP A 47 27.37 12.72 -20.92
C TRP A 47 26.97 11.29 -21.23
N VAL A 48 26.37 11.09 -22.40
CA VAL A 48 25.80 9.81 -22.79
C VAL A 48 26.59 9.18 -23.95
N SER A 49 26.61 9.85 -25.11
CA SER A 49 27.29 9.29 -26.27
C SER A 49 27.69 10.43 -27.20
N ILE A 50 28.54 10.10 -28.18
CA ILE A 50 28.98 11.04 -29.18
C ILE A 50 29.25 10.29 -30.48
N ILE A 51 28.99 10.95 -31.60
CA ILE A 51 29.24 10.39 -32.92
C ILE A 51 30.14 11.35 -33.69
N TYR A 52 31.16 10.79 -34.35
CA TYR A 52 32.10 11.60 -35.11
C TYR A 52 31.54 11.93 -36.50
N THR A 53 32.29 12.75 -37.24
CA THR A 53 31.81 13.21 -38.52
C THR A 53 31.78 12.08 -39.55
N GLY A 54 32.77 11.18 -39.47
CA GLY A 54 32.90 10.02 -40.33
C GLY A 54 32.26 8.77 -39.79
N GLY A 55 31.72 8.82 -38.57
CA GLY A 55 30.86 7.76 -38.05
C GLY A 55 31.31 7.09 -36.76
N SER A 56 32.46 7.42 -36.17
CA SER A 56 32.88 6.76 -34.94
C SER A 56 31.96 7.14 -33.79
N THR A 57 31.67 6.17 -32.93
CA THR A 57 30.76 6.35 -31.81
C THR A 57 31.45 5.94 -30.50
N TYR A 58 31.11 6.66 -29.43
CA TYR A 58 31.58 6.35 -28.09
C TYR A 58 30.43 6.51 -27.12
N TYR A 59 30.44 5.71 -26.06
CA TYR A 59 29.35 5.68 -25.10
C TYR A 59 29.90 5.69 -23.68
N ALA A 60 29.08 6.21 -22.76
CA ALA A 60 29.42 6.13 -21.35
C ALA A 60 29.20 4.71 -20.83
N ASP A 61 29.94 4.36 -19.78
CA ASP A 61 29.84 3.01 -19.23
C ASP A 61 28.44 2.72 -18.71
N SER A 62 27.75 3.72 -18.19
CA SER A 62 26.40 3.51 -17.68
C SER A 62 25.38 3.26 -18.77
N VAL A 63 25.80 3.20 -20.03
CA VAL A 63 24.85 3.17 -21.14
C VAL A 63 25.37 2.23 -22.23
N LYS A 64 26.64 1.86 -22.15
CA LYS A 64 27.25 0.94 -23.10
C LYS A 64 26.42 -0.32 -23.27
N GLY A 65 26.31 -0.78 -24.51
CA GLY A 65 25.59 -1.99 -24.84
C GLY A 65 24.08 -1.87 -24.85
N ARG A 66 23.53 -0.78 -24.32
CA ARG A 66 22.09 -0.59 -24.27
C ARG A 66 21.59 0.54 -25.15
N PHE A 67 22.40 1.58 -25.36
CA PHE A 67 22.03 2.70 -26.22
C PHE A 67 22.80 2.61 -27.53
N SER A 68 22.29 3.34 -28.53
CA SER A 68 22.92 3.37 -29.84
C SER A 68 22.62 4.71 -30.49
N ILE A 69 23.66 5.46 -30.85
CA ILE A 69 23.51 6.76 -31.49
C ILE A 69 23.64 6.59 -32.99
N SER A 70 22.80 7.30 -33.74
CA SER A 70 22.76 7.17 -35.19
C SER A 70 22.69 8.55 -35.82
N ARG A 71 23.03 8.61 -37.10
CA ARG A 71 23.07 9.86 -37.87
C ARG A 71 22.35 9.64 -39.19
N ASP A 72 21.37 10.49 -39.48
CA ASP A 72 20.63 10.46 -40.75
C ASP A 72 20.80 11.82 -41.41
N ASP A 73 21.67 11.88 -42.42
CA ASP A 73 21.92 13.14 -43.11
C ASP A 73 20.81 13.50 -44.09
N SER A 74 20.01 12.53 -44.52
CA SER A 74 18.91 12.82 -45.43
C SER A 74 17.88 13.72 -44.77
N ARG A 75 17.52 13.42 -43.52
CA ARG A 75 16.62 14.25 -42.74
C ARG A 75 17.36 15.30 -41.91
N ASN A 76 18.69 15.25 -41.88
CA ASN A 76 19.50 16.12 -41.03
C ASN A 76 19.06 15.99 -39.57
N THR A 77 18.96 14.74 -39.10
CA THR A 77 18.52 14.44 -37.75
C THR A 77 19.51 13.51 -37.08
N LEU A 78 19.57 13.59 -35.74
CA LEU A 78 20.40 12.72 -34.92
C LEU A 78 19.49 11.82 -34.10
N TYR A 79 19.92 10.58 -33.88
CA TYR A 79 19.09 9.61 -33.20
C TYR A 79 19.80 9.04 -31.98
N LEU A 80 18.99 8.53 -31.05
CA LEU A 80 19.51 7.81 -29.88
C LEU A 80 18.53 6.68 -29.58
N GLN A 81 18.86 5.47 -30.03
CA GLN A 81 18.07 4.30 -29.71
C GLN A 81 18.40 3.83 -28.31
N MET A 82 17.37 3.63 -27.49
CA MET A 82 17.54 3.23 -26.10
C MET A 82 16.80 1.92 -25.88
N ASN A 83 17.55 0.88 -25.55
CA ASN A 83 16.99 -0.43 -25.24
C ASN A 83 17.34 -0.82 -23.81
N SER A 84 16.56 -1.74 -23.26
CA SER A 84 16.74 -2.23 -21.89
C SER A 84 16.81 -1.06 -20.91
N LEU A 85 15.81 -0.20 -20.98
CA LEU A 85 15.80 1.00 -20.15
C LEU A 85 15.58 0.64 -18.68
N ARG A 86 16.28 1.35 -17.81
CA ARG A 86 16.17 1.18 -16.37
C ARG A 86 15.67 2.47 -15.73
N ALA A 87 15.37 2.40 -14.44
CA ALA A 87 14.97 3.58 -13.69
C ALA A 87 16.10 4.59 -13.55
N GLU A 88 17.35 4.16 -13.77
CA GLU A 88 18.47 5.09 -13.79
C GLU A 88 18.49 5.96 -15.03
N ASP A 89 17.70 5.61 -16.05
CA ASP A 89 17.71 6.29 -17.33
C ASP A 89 16.69 7.41 -17.43
N THR A 90 15.74 7.50 -16.51
CA THR A 90 14.76 8.59 -16.56
C THR A 90 15.47 9.92 -16.34
N ALA A 91 15.39 10.81 -17.33
CA ALA A 91 16.12 12.06 -17.32
C ALA A 91 15.65 12.91 -18.50
N VAL A 92 16.06 14.17 -18.50
CA VAL A 92 15.90 15.03 -19.67
C VAL A 92 17.12 14.83 -20.57
N TYR A 93 16.88 14.40 -21.81
CA TYR A 93 17.95 14.11 -22.74
C TYR A 93 18.17 15.31 -23.65
N TYR A 94 19.39 15.83 -23.66
CA TYR A 94 19.76 16.96 -24.48
C TYR A 94 20.63 16.52 -25.65
N CYS A 95 20.43 17.18 -26.78
CA CYS A 95 21.23 16.98 -27.98
C CYS A 95 22.07 18.22 -28.22
N ALA A 96 23.37 18.05 -28.37
CA ALA A 96 24.28 19.20 -28.44
C ALA A 96 25.34 18.98 -29.51
N ARG A 97 25.81 20.10 -30.07
CA ARG A 97 26.87 20.09 -31.06
C ARG A 97 28.20 20.33 -30.35
N ALA A 98 29.18 19.48 -30.63
CA ALA A 98 30.50 19.55 -29.99
C ALA A 98 31.47 20.24 -30.93
N LEU A 99 32.02 21.37 -30.48
CA LEU A 99 33.00 22.10 -31.27
C LEU A 99 34.25 21.25 -31.46
N LYS A 100 34.81 21.28 -32.66
CA LYS A 100 36.00 20.50 -32.97
C LYS A 100 37.26 21.25 -32.54
N LEU A 101 38.24 20.50 -32.04
CA LEU A 101 39.56 21.07 -31.82
C LEU A 101 40.12 21.57 -33.14
N GLN A 102 40.83 22.70 -33.08
CA GLN A 102 41.27 23.36 -34.31
C GLN A 102 42.31 22.53 -35.06
N PHE A 103 43.31 22.03 -34.34
CA PHE A 103 44.46 21.40 -35.00
C PHE A 103 44.15 19.98 -35.47
N PHE A 104 43.23 19.29 -34.81
CA PHE A 104 42.97 17.89 -35.09
C PHE A 104 41.52 17.68 -35.49
N ASP A 105 41.22 16.46 -35.94
CA ASP A 105 39.84 16.04 -36.17
C ASP A 105 39.29 15.33 -34.94
N TRP A 106 39.36 16.04 -33.81
CA TRP A 106 38.95 15.51 -32.52
C TRP A 106 37.97 16.46 -31.87
N PRO A 107 36.87 15.98 -31.30
CA PRO A 107 35.90 16.88 -30.68
C PRO A 107 36.38 17.38 -29.32
N SER A 108 36.21 18.68 -29.10
CA SER A 108 36.51 19.25 -27.80
C SER A 108 35.36 19.01 -26.84
N HIS A 109 35.58 19.37 -25.57
CA HIS A 109 34.54 19.31 -24.56
C HIS A 109 33.75 20.61 -24.46
N ALA A 110 33.71 21.39 -25.54
CA ALA A 110 32.92 22.62 -25.60
C ALA A 110 31.71 22.36 -26.48
N PHE A 111 30.53 22.34 -25.87
CA PHE A 111 29.26 22.15 -26.58
C PHE A 111 28.57 23.51 -26.62
N ASP A 112 28.45 24.08 -27.82
CA ASP A 112 27.95 25.43 -27.97
C ASP A 112 26.48 25.51 -28.38
N ILE A 113 25.99 24.53 -29.13
CA ILE A 113 24.60 24.51 -29.59
C ILE A 113 23.87 23.40 -28.86
N TRP A 114 22.78 23.73 -28.19
CA TRP A 114 21.99 22.77 -27.43
C TRP A 114 20.53 22.82 -27.88
N GLY A 115 19.84 21.69 -27.72
CA GLY A 115 18.41 21.65 -27.85
C GLY A 115 17.73 21.98 -26.54
N GLN A 116 16.39 21.95 -26.56
CA GLN A 116 15.64 22.21 -25.33
C GLN A 116 15.50 20.98 -24.45
N GLY A 117 15.75 19.79 -24.99
CA GLY A 117 15.66 18.57 -24.23
C GLY A 117 14.30 17.91 -24.32
N THR A 118 14.29 16.60 -24.06
CA THR A 118 13.06 15.82 -24.01
C THR A 118 13.09 14.94 -22.77
N MET A 119 11.95 14.87 -22.07
CA MET A 119 11.87 14.11 -20.84
C MET A 119 11.58 12.65 -21.12
N VAL A 120 12.38 11.77 -20.54
CA VAL A 120 12.13 10.33 -20.57
C VAL A 120 11.88 9.88 -19.13
N THR A 121 10.79 9.14 -18.93
CA THR A 121 10.41 8.61 -17.63
C THR A 121 10.25 7.11 -17.74
N VAL A 122 11.12 6.36 -17.08
CA VAL A 122 11.08 4.91 -17.08
C VAL A 122 10.31 4.46 -15.85
N SER A 123 9.09 3.97 -16.05
CA SER A 123 8.23 3.56 -14.95
C SER A 123 7.15 2.62 -15.47
N SER A 124 6.83 1.62 -14.67
CA SER A 124 5.71 0.71 -14.95
C SER A 124 4.38 1.25 -14.45
N ALA A 125 4.36 2.42 -13.83
CA ALA A 125 3.20 2.88 -13.10
C ALA A 125 2.17 3.51 -14.01
N SER A 126 0.90 3.33 -13.66
CA SER A 126 -0.18 4.11 -14.22
C SER A 126 -0.87 4.88 -13.09
N THR A 127 -2.14 5.22 -13.24
CA THR A 127 -2.83 6.00 -12.22
C THR A 127 -2.86 5.24 -10.90
N LYS A 128 -2.29 5.86 -9.86
CA LYS A 128 -2.14 5.23 -8.55
C LYS A 128 -2.35 6.28 -7.48
N GLY A 129 -3.32 6.07 -6.61
CA GLY A 129 -3.60 6.98 -5.53
C GLY A 129 -2.55 6.94 -4.44
N PRO A 130 -2.38 8.06 -3.74
CA PRO A 130 -1.31 8.16 -2.74
C PRO A 130 -1.68 7.51 -1.41
N SER A 131 -0.63 7.22 -0.63
CA SER A 131 -0.77 6.78 0.75
C SER A 131 -0.24 7.89 1.65
N VAL A 132 -1.06 8.34 2.59
CA VAL A 132 -0.72 9.45 3.47
C VAL A 132 -0.35 8.90 4.84
N PHE A 133 0.81 9.31 5.35
CA PHE A 133 1.25 8.91 6.67
C PHE A 133 1.58 10.14 7.50
N PRO A 134 1.33 10.10 8.81
CA PRO A 134 1.53 11.29 9.63
C PRO A 134 2.99 11.48 10.02
N LEU A 135 3.43 12.74 10.01
CA LEU A 135 4.74 13.12 10.56
C LEU A 135 4.47 13.79 11.91
N ALA A 136 4.35 12.97 12.94
CA ALA A 136 3.86 13.45 14.22
C ALA A 136 4.91 14.32 14.92
N PRO A 137 4.48 15.37 15.61
CA PRO A 137 5.43 16.17 16.39
C PRO A 137 5.87 15.46 17.65
N SER A 138 7.12 15.70 18.02
CA SER A 138 7.69 15.10 19.22
C SER A 138 8.74 16.05 19.78
N SER A 139 9.48 15.58 20.79
CA SER A 139 10.51 16.41 21.42
C SER A 139 11.58 16.87 20.43
N LYS A 140 11.76 16.15 19.33
CA LYS A 140 12.82 16.47 18.39
C LYS A 140 12.36 17.42 17.28
N SER A 141 11.06 17.56 17.07
CA SER A 141 10.54 18.51 16.09
C SER A 141 10.02 19.79 16.73
N THR A 142 10.36 20.03 17.99
CA THR A 142 9.93 21.23 18.72
C THR A 142 11.15 21.94 19.27
N SER A 143 11.20 23.26 19.03
CA SER A 143 12.31 24.08 19.51
C SER A 143 11.83 25.51 19.63
N GLY A 144 12.09 26.14 20.77
CA GLY A 144 11.69 27.52 20.97
C GLY A 144 10.19 27.74 21.03
N GLY A 145 9.45 26.75 21.53
CA GLY A 145 8.02 26.90 21.67
C GLY A 145 7.21 26.68 20.40
N THR A 146 7.85 26.32 19.29
CA THR A 146 7.15 26.03 18.05
C THR A 146 7.32 24.55 17.70
N ALA A 147 6.28 23.99 17.10
CA ALA A 147 6.22 22.56 16.80
C ALA A 147 6.04 22.34 15.30
N ALA A 148 6.79 21.39 14.77
CA ALA A 148 6.70 21.02 13.36
C ALA A 148 6.01 19.67 13.23
N LEU A 149 4.99 19.61 12.38
CA LEU A 149 4.28 18.38 12.08
C LEU A 149 3.88 18.40 10.62
N GLY A 150 3.68 17.21 10.06
CA GLY A 150 3.39 17.16 8.64
C GLY A 150 2.70 15.89 8.21
N CYS A 151 2.55 15.75 6.90
CA CYS A 151 2.00 14.56 6.27
C CYS A 151 2.93 14.09 5.17
N LEU A 152 3.16 12.78 5.11
CA LEU A 152 3.97 12.15 4.09
C LEU A 152 3.04 11.55 3.03
N VAL A 153 3.01 12.17 1.85
CA VAL A 153 2.19 11.70 0.74
C VAL A 153 3.08 10.82 -0.14
N LYS A 154 2.80 9.52 -0.16
CA LYS A 154 3.74 8.53 -0.65
C LYS A 154 3.14 7.70 -1.78
N ASP A 155 3.94 7.46 -2.81
CA ASP A 155 3.68 6.46 -3.85
C ASP A 155 2.36 6.75 -4.58
N TYR A 156 2.37 7.83 -5.33
CA TYR A 156 1.24 8.18 -6.19
C TYR A 156 1.72 8.41 -7.62
N PHE A 157 0.79 8.32 -8.55
CA PHE A 157 1.08 8.53 -9.96
C PHE A 157 -0.19 8.85 -10.71
N PRO A 158 -0.19 9.87 -11.59
CA PRO A 158 0.94 10.78 -11.77
C PRO A 158 0.78 12.07 -10.98
N GLU A 159 1.63 13.06 -11.27
CA GLU A 159 1.46 14.39 -10.71
C GLU A 159 0.16 15.01 -11.20
N PRO A 160 -0.41 15.97 -10.46
CA PRO A 160 0.09 16.54 -9.20
C PRO A 160 -0.70 16.11 -7.97
N VAL A 161 -0.24 16.58 -6.81
CA VAL A 161 -0.94 16.43 -5.55
C VAL A 161 -1.00 17.80 -4.89
N THR A 162 -2.19 18.22 -4.48
CA THR A 162 -2.37 19.46 -3.75
C THR A 162 -2.69 19.13 -2.29
N VAL A 163 -2.05 19.86 -1.38
CA VAL A 163 -2.20 19.64 0.06
C VAL A 163 -2.67 20.94 0.71
N SER A 164 -3.66 20.81 1.59
CA SER A 164 -4.08 21.91 2.44
C SER A 164 -4.21 21.40 3.87
N TRP A 165 -4.26 22.33 4.81
CA TRP A 165 -4.35 21.99 6.23
C TRP A 165 -5.62 22.60 6.82
N ASN A 166 -6.37 21.78 7.55
CA ASN A 166 -7.64 22.18 8.16
C ASN A 166 -8.58 22.80 7.12
N SER A 167 -8.64 22.18 5.94
CA SER A 167 -9.54 22.60 4.86
C SER A 167 -9.26 24.04 4.43
N GLY A 168 -7.99 24.44 4.46
CA GLY A 168 -7.59 25.76 4.06
C GLY A 168 -7.68 26.82 5.13
N ALA A 169 -8.20 26.47 6.31
CA ALA A 169 -8.24 27.43 7.41
C ALA A 169 -6.86 27.68 8.03
N LEU A 170 -5.87 26.86 7.68
CA LEU A 170 -4.51 27.00 8.21
C LEU A 170 -3.56 27.11 7.02
N THR A 171 -3.13 28.33 6.72
CA THR A 171 -2.21 28.59 5.63
C THR A 171 -0.86 29.12 6.08
N SER A 172 -0.82 29.84 7.19
CA SER A 172 0.43 30.40 7.69
C SER A 172 1.30 29.31 8.28
N GLY A 173 2.59 29.30 7.91
CA GLY A 173 3.52 28.29 8.38
C GLY A 173 3.48 26.99 7.62
N VAL A 174 2.71 26.91 6.54
CA VAL A 174 2.58 25.71 5.74
C VAL A 174 3.57 25.74 4.59
N HIS A 175 4.24 24.61 4.35
CA HIS A 175 5.09 24.46 3.19
C HIS A 175 4.95 23.05 2.65
N THR A 176 4.48 22.93 1.41
CA THR A 176 4.40 21.65 0.72
C THR A 176 5.58 21.56 -0.24
N PHE A 177 6.42 20.55 -0.04
CA PHE A 177 7.64 20.39 -0.81
C PHE A 177 7.35 19.85 -2.21
N PRO A 178 8.25 20.08 -3.16
CA PRO A 178 8.09 19.46 -4.48
C PRO A 178 8.19 17.95 -4.40
N ALA A 179 7.49 17.29 -5.31
CA ALA A 179 7.49 15.84 -5.33
C ALA A 179 8.85 15.30 -5.77
N VAL A 180 9.15 14.08 -5.34
CA VAL A 180 10.37 13.40 -5.74
C VAL A 180 9.97 12.14 -6.51
N LEU A 181 10.72 11.84 -7.56
CA LEU A 181 10.48 10.66 -8.38
C LEU A 181 11.38 9.54 -7.85
N GLN A 182 10.76 8.50 -7.30
CA GLN A 182 11.49 7.39 -6.73
C GLN A 182 11.87 6.37 -7.80
N SER A 183 12.77 5.46 -7.43
CA SER A 183 13.22 4.44 -8.39
C SER A 183 12.10 3.49 -8.77
N SER A 184 11.05 3.39 -7.95
CA SER A 184 9.89 2.57 -8.29
C SER A 184 8.97 3.24 -9.31
N GLY A 185 9.28 4.47 -9.73
CA GLY A 185 8.47 5.18 -10.69
C GLY A 185 7.35 6.01 -10.08
N LEU A 186 7.09 5.88 -8.79
CA LEU A 186 6.04 6.62 -8.12
C LEU A 186 6.59 7.89 -7.48
N TYR A 187 5.68 8.83 -7.22
CA TYR A 187 6.04 10.11 -6.64
C TYR A 187 5.78 10.12 -5.14
N SER A 188 6.44 11.04 -4.45
CA SER A 188 6.25 11.25 -3.03
C SER A 188 6.63 12.69 -2.68
N LEU A 189 5.83 13.29 -1.80
CA LEU A 189 6.14 14.61 -1.28
C LEU A 189 5.76 14.68 0.20
N SER A 190 6.15 15.77 0.83
CA SER A 190 5.79 16.06 2.21
C SER A 190 5.20 17.47 2.29
N SER A 191 4.36 17.68 3.28
CA SER A 191 3.84 19.00 3.60
C SER A 191 3.91 19.19 5.09
N VAL A 192 4.44 20.32 5.53
CA VAL A 192 4.62 20.59 6.95
C VAL A 192 3.95 21.89 7.32
N VAL A 193 3.48 21.95 8.55
CA VAL A 193 3.00 23.19 9.15
C VAL A 193 3.71 23.37 10.48
N THR A 194 4.12 24.60 10.76
CA THR A 194 4.79 24.93 12.02
C THR A 194 3.79 25.63 12.93
N VAL A 195 3.52 25.03 14.08
CA VAL A 195 2.44 25.49 14.95
C VAL A 195 3.02 25.74 16.33
N PRO A 196 2.31 26.51 17.16
CA PRO A 196 2.74 26.64 18.56
C PRO A 196 2.68 25.30 19.28
N SER A 197 3.67 25.06 20.14
CA SER A 197 3.78 23.79 20.82
C SER A 197 2.69 23.59 21.87
N SER A 198 2.14 24.69 22.41
CA SER A 198 1.07 24.58 23.40
C SER A 198 -0.26 24.17 22.78
N SER A 199 -0.43 24.37 21.47
CA SER A 199 -1.67 24.01 20.80
C SER A 199 -1.75 22.53 20.45
N LEU A 200 -0.65 21.78 20.61
CA LEU A 200 -0.65 20.37 20.23
C LEU A 200 -1.66 19.57 21.03
N GLY A 201 -1.96 19.99 22.27
CA GLY A 201 -2.90 19.25 23.09
C GLY A 201 -4.35 19.52 22.77
N THR A 202 -4.66 20.74 22.34
CA THR A 202 -6.04 21.16 22.09
C THR A 202 -6.37 21.29 20.62
N GLN A 203 -5.52 21.97 19.85
CA GLN A 203 -5.85 22.24 18.45
C GLN A 203 -5.71 20.98 17.61
N THR A 204 -6.64 20.81 16.67
CA THR A 204 -6.64 19.66 15.76
C THR A 204 -6.03 20.08 14.42
N TYR A 205 -5.17 19.21 13.88
CA TYR A 205 -4.48 19.46 12.63
C TYR A 205 -4.75 18.31 11.67
N ILE A 206 -5.34 18.63 10.52
CA ILE A 206 -5.71 17.64 9.52
C ILE A 206 -5.19 18.12 8.17
N CYS A 207 -4.37 17.29 7.53
CA CYS A 207 -3.89 17.58 6.18
C CYS A 207 -4.87 17.00 5.17
N ASN A 208 -5.19 17.78 4.14
CA ASN A 208 -6.14 17.41 3.11
C ASN A 208 -5.37 17.18 1.82
N VAL A 209 -5.26 15.91 1.43
CA VAL A 209 -4.49 15.51 0.26
C VAL A 209 -5.45 15.23 -0.88
N ASN A 210 -5.18 15.83 -2.04
CA ASN A 210 -6.02 15.67 -3.23
C ASN A 210 -5.18 15.14 -4.38
N HIS A 211 -5.66 14.06 -5.00
CA HIS A 211 -5.03 13.50 -6.20
C HIS A 211 -6.14 13.35 -7.23
N LYS A 212 -6.36 14.40 -8.02
CA LYS A 212 -7.39 14.36 -9.06
C LYS A 212 -7.17 13.25 -10.09
N PRO A 213 -5.95 12.95 -10.56
CA PRO A 213 -5.80 11.85 -11.52
C PRO A 213 -6.42 10.53 -11.07
N SER A 214 -6.38 10.21 -9.78
CA SER A 214 -6.96 8.98 -9.27
C SER A 214 -8.31 9.19 -8.59
N ASN A 215 -8.82 10.42 -8.57
CA ASN A 215 -10.10 10.73 -7.92
C ASN A 215 -10.07 10.33 -6.45
N THR A 216 -8.98 10.69 -5.78
CA THR A 216 -8.77 10.33 -4.38
C THR A 216 -8.57 11.59 -3.56
N LYS A 217 -9.25 11.66 -2.42
CA LYS A 217 -9.01 12.67 -1.41
C LYS A 217 -8.83 11.96 -0.07
N VAL A 218 -7.74 12.28 0.62
CA VAL A 218 -7.42 11.64 1.90
C VAL A 218 -7.29 12.73 2.96
N ASP A 219 -8.04 12.58 4.04
CA ASP A 219 -7.92 13.44 5.22
C ASP A 219 -7.19 12.67 6.31
N LYS A 220 -6.14 13.28 6.86
CA LYS A 220 -5.31 12.64 7.87
C LYS A 220 -5.10 13.59 9.03
N LYS A 221 -5.60 13.19 10.21
CA LYS A 221 -5.35 13.96 11.42
C LYS A 221 -3.98 13.61 11.98
N VAL A 222 -3.15 14.63 12.20
CA VAL A 222 -1.81 14.46 12.73
C VAL A 222 -1.82 14.89 14.19
N GLU A 223 -1.41 13.99 15.07
CA GLU A 223 -1.38 14.25 16.50
C GLU A 223 -0.09 13.69 17.06
N PRO A 224 0.37 14.19 18.21
CA PRO A 224 1.56 13.61 18.85
C PRO A 224 1.39 12.13 19.12
N LYS A 225 1.95 11.28 18.26
CA LYS A 225 1.80 9.85 18.41
C LYS A 225 2.60 9.33 19.58
N SER A 226 2.17 9.65 20.80
CA SER A 226 2.84 9.17 21.99
C SER A 226 2.67 7.66 22.12
N CYS A 227 3.65 7.04 22.78
CA CYS A 227 3.72 5.58 22.84
C CYS A 227 3.21 5.04 24.17
N SER B 2 39.36 10.90 -14.73
CA SER B 2 39.27 11.79 -13.56
C SER B 2 37.81 12.15 -13.26
N ALA B 3 37.58 12.75 -12.10
CA ALA B 3 36.30 13.33 -11.75
C ALA B 3 36.51 14.78 -11.36
N LEU B 4 35.51 15.61 -11.66
CA LEU B 4 35.61 17.06 -11.43
C LEU B 4 34.79 17.45 -10.21
N THR B 5 35.45 18.11 -9.26
CA THR B 5 34.85 18.52 -8.00
C THR B 5 34.61 20.02 -8.02
N GLN B 6 33.40 20.43 -7.65
CA GLN B 6 33.02 21.82 -7.58
C GLN B 6 32.44 22.11 -6.20
N PRO B 7 32.66 23.31 -5.68
CA PRO B 7 31.98 23.71 -4.44
C PRO B 7 30.48 23.74 -4.66
N PRO B 8 29.69 23.28 -3.69
CA PRO B 8 28.23 23.28 -3.91
C PRO B 8 27.62 24.67 -4.02
N SER B 9 28.21 25.68 -3.38
CA SER B 9 27.62 27.00 -3.32
C SER B 9 28.67 28.08 -3.49
N ALA B 10 28.26 29.18 -4.12
CA ALA B 10 29.05 30.40 -4.20
C ALA B 10 28.06 31.56 -4.34
N SER B 11 28.42 32.72 -3.78
CA SER B 11 27.47 33.80 -3.73
C SER B 11 28.18 35.15 -3.80
N GLY B 12 27.44 36.15 -4.26
CA GLY B 12 27.91 37.51 -4.23
C GLY B 12 26.75 38.46 -4.38
N SER B 13 26.91 39.66 -3.83
CA SER B 13 25.90 40.70 -3.99
C SER B 13 26.00 41.28 -5.42
N PRO B 14 24.90 41.82 -5.94
CA PRO B 14 24.96 42.40 -7.30
C PRO B 14 26.02 43.50 -7.39
N GLY B 15 26.82 43.44 -8.44
CA GLY B 15 27.97 44.30 -8.59
C GLY B 15 29.26 43.74 -8.01
N GLN B 16 29.18 42.73 -7.16
CA GLN B 16 30.36 42.09 -6.61
C GLN B 16 30.88 41.04 -7.58
N SER B 17 32.04 40.49 -7.24
CA SER B 17 32.67 39.46 -8.05
C SER B 17 32.70 38.14 -7.29
N VAL B 18 32.64 37.04 -8.04
CA VAL B 18 32.70 35.71 -7.45
C VAL B 18 33.45 34.80 -8.42
N THR B 19 34.21 33.86 -7.87
CA THR B 19 34.96 32.90 -8.67
C THR B 19 34.69 31.51 -8.13
N ILE B 20 34.41 30.58 -9.05
CA ILE B 20 34.14 29.19 -8.70
C ILE B 20 35.24 28.32 -9.31
N SER B 21 35.55 27.22 -8.64
CA SER B 21 36.68 26.38 -9.00
C SER B 21 36.21 25.02 -9.49
N CYS B 22 37.00 24.43 -10.39
CA CYS B 22 36.80 23.08 -10.88
C CYS B 22 38.09 22.31 -10.66
N THR B 23 38.03 21.25 -9.86
CA THR B 23 39.18 20.44 -9.50
C THR B 23 38.97 19.03 -10.02
N GLY B 24 39.99 18.46 -10.64
CA GLY B 24 39.90 17.13 -11.23
C GLY B 24 40.94 16.19 -10.67
N THR B 25 40.51 14.97 -10.37
CA THR B 25 41.38 13.95 -9.80
C THR B 25 41.93 13.02 -10.88
N TYR B 32 46.18 19.10 -22.53
CA TYR B 32 45.77 17.90 -21.80
C TYR B 32 44.63 18.20 -20.83
N ASN B 33 44.97 18.86 -19.72
CA ASN B 33 44.01 19.17 -18.67
C ASN B 33 43.52 20.60 -18.84
N TYR B 34 42.25 20.76 -19.20
CA TYR B 34 41.60 22.06 -19.24
C TYR B 34 40.09 21.83 -19.25
N VAL B 35 39.35 22.93 -19.12
CA VAL B 35 37.98 22.89 -18.61
C VAL B 35 37.09 23.83 -19.41
N SER B 36 35.88 23.36 -19.72
CA SER B 36 34.82 24.18 -20.29
C SER B 36 33.75 24.40 -19.22
N TRP B 37 33.05 25.53 -19.31
CA TRP B 37 32.04 25.90 -18.32
C TRP B 37 30.67 26.08 -18.97
N TYR B 38 29.63 25.70 -18.22
CA TYR B 38 28.26 25.80 -18.69
C TYR B 38 27.40 26.46 -17.61
N GLN B 39 26.40 27.21 -18.06
CA GLN B 39 25.41 27.84 -17.20
C GLN B 39 24.04 27.23 -17.46
N GLN B 40 23.28 26.98 -16.39
CA GLN B 40 21.96 26.37 -16.53
C GLN B 40 20.98 27.05 -15.57
N HIS B 41 20.00 27.76 -16.13
CA HIS B 41 18.89 28.30 -15.36
C HIS B 41 17.80 27.24 -15.20
N PRO B 42 16.93 27.38 -14.21
CA PRO B 42 15.92 26.34 -13.96
C PRO B 42 15.01 26.13 -15.16
N GLY B 43 14.76 24.86 -15.47
CA GLY B 43 13.90 24.49 -16.58
C GLY B 43 14.49 24.71 -17.96
N LYS B 44 15.78 25.02 -18.05
CA LYS B 44 16.40 25.36 -19.31
C LYS B 44 17.60 24.44 -19.57
N ALA B 45 17.99 24.38 -20.84
CA ALA B 45 19.16 23.61 -21.23
C ALA B 45 20.43 24.33 -20.80
N PRO B 46 21.54 23.60 -20.68
CA PRO B 46 22.81 24.25 -20.37
C PRO B 46 23.23 25.20 -21.48
N LYS B 47 24.03 26.19 -21.11
CA LYS B 47 24.53 27.19 -22.04
C LYS B 47 26.05 27.30 -21.89
N LEU B 48 26.76 27.18 -23.01
CA LEU B 48 28.21 27.29 -22.98
C LEU B 48 28.62 28.73 -22.67
N ILE B 49 29.35 28.91 -21.58
CA ILE B 49 29.80 30.22 -21.15
C ILE B 49 31.24 30.48 -21.55
N ILE B 50 32.12 29.52 -21.31
CA ILE B 50 33.54 29.69 -21.59
C ILE B 50 34.16 28.32 -21.81
N SER B 51 35.08 28.24 -22.77
CA SER B 51 35.84 27.04 -23.07
C SER B 51 37.32 27.38 -23.03
N GLU B 52 38.15 26.33 -23.04
CA GLU B 52 39.61 26.45 -22.92
C GLU B 52 39.90 27.22 -21.63
N VAL B 53 40.73 28.26 -21.66
CA VAL B 53 41.01 29.04 -20.47
C VAL B 53 40.14 30.29 -20.39
N ASN B 54 39.98 31.02 -21.51
CA ASN B 54 39.26 32.29 -21.43
C ASN B 54 38.57 32.70 -22.73
N LYS B 55 38.25 31.77 -23.63
CA LYS B 55 37.52 32.14 -24.83
C LYS B 55 36.02 31.98 -24.60
N ARG B 56 35.28 32.97 -25.05
CA ARG B 56 33.84 33.06 -24.89
C ARG B 56 33.12 32.93 -26.22
N PRO B 57 31.97 32.27 -26.27
CA PRO B 57 31.14 32.30 -27.47
C PRO B 57 30.56 33.69 -27.69
N SER B 58 29.99 33.90 -28.86
CA SER B 58 29.31 35.16 -29.14
C SER B 58 28.06 35.29 -28.29
N GLY B 59 27.85 36.48 -27.73
CA GLY B 59 26.72 36.78 -26.88
C GLY B 59 27.01 36.66 -25.40
N VAL B 60 27.99 35.85 -25.02
CA VAL B 60 28.33 35.73 -23.60
C VAL B 60 29.05 37.01 -23.14
N PRO B 61 28.58 37.67 -22.08
CA PRO B 61 29.16 38.95 -21.70
C PRO B 61 30.62 38.82 -21.26
N ALA B 62 31.34 39.95 -21.34
CA ALA B 62 32.72 40.00 -20.87
C ALA B 62 32.83 39.86 -19.37
N ARG B 63 31.70 39.86 -18.65
CA ARG B 63 31.70 39.67 -17.21
C ARG B 63 32.31 38.33 -16.82
N PHE B 64 32.16 37.31 -17.67
CA PHE B 64 32.63 35.97 -17.38
C PHE B 64 34.04 35.79 -17.90
N SER B 65 34.94 35.32 -17.03
CA SER B 65 36.31 35.04 -17.41
C SER B 65 36.78 33.80 -16.65
N GLY B 66 37.78 33.13 -17.22
CA GLY B 66 38.28 31.90 -16.64
C GLY B 66 39.80 31.87 -16.58
N SER B 67 40.30 31.04 -15.67
CA SER B 67 41.73 30.85 -15.49
C SER B 67 41.95 29.42 -15.00
N LYS B 68 43.23 29.02 -14.95
CA LYS B 68 43.56 27.70 -14.45
C LYS B 68 44.97 27.74 -13.88
N SER B 69 45.14 27.11 -12.72
CA SER B 69 46.43 27.04 -12.03
C SER B 69 46.69 25.58 -11.68
N GLY B 70 47.47 24.90 -12.53
CA GLY B 70 47.81 23.51 -12.34
C GLY B 70 46.60 22.59 -12.39
N ASN B 71 46.15 22.12 -11.23
CA ASN B 71 45.02 21.21 -11.17
C ASN B 71 43.67 21.91 -11.10
N ARG B 72 43.65 23.22 -10.86
CA ARG B 72 42.42 23.93 -10.52
C ARG B 72 42.08 24.93 -11.61
N ALA B 73 40.93 24.71 -12.27
CA ALA B 73 40.37 25.66 -13.20
C ALA B 73 39.32 26.52 -12.48
N SER B 74 39.18 27.76 -12.94
CA SER B 74 38.32 28.73 -12.26
C SER B 74 37.48 29.48 -13.29
N LEU B 75 36.28 29.85 -12.86
CA LEU B 75 35.38 30.72 -13.62
C LEU B 75 35.02 31.90 -12.73
N THR B 76 35.21 33.10 -13.27
CA THR B 76 34.99 34.33 -12.51
C THR B 76 33.91 35.16 -13.18
N VAL B 77 33.04 35.75 -12.37
CA VAL B 77 32.03 36.68 -12.83
C VAL B 77 32.25 38.02 -12.18
N SER B 78 32.43 39.06 -12.97
CA SER B 78 32.86 40.34 -12.41
C SER B 78 31.93 41.43 -11.91
N GLY B 79 30.75 41.58 -12.45
CA GLY B 79 29.72 42.36 -11.78
C GLY B 79 28.50 41.52 -11.86
N LEU B 80 28.09 40.94 -10.76
CA LEU B 80 27.00 40.00 -10.79
C LEU B 80 25.74 40.71 -11.09
N GLN B 81 24.96 40.11 -11.95
CA GLN B 81 23.62 40.54 -12.19
C GLN B 81 22.73 39.41 -11.76
N THR B 82 21.54 39.71 -11.26
CA THR B 82 20.63 38.69 -10.74
C THR B 82 20.37 37.59 -11.75
N GLU B 83 20.48 37.89 -13.04
CA GLU B 83 20.35 36.87 -14.09
C GLU B 83 21.50 35.86 -14.06
N ASP B 84 22.58 36.13 -13.33
CA ASP B 84 23.68 35.17 -13.22
C ASP B 84 23.39 34.06 -12.23
N GLU B 85 22.34 34.18 -11.42
CA GLU B 85 21.97 33.13 -10.47
C GLU B 85 21.53 31.89 -11.24
N ALA B 86 22.32 30.84 -11.15
CA ALA B 86 22.07 29.60 -11.89
C ALA B 86 23.05 28.55 -11.39
N ASP B 87 22.88 27.32 -11.87
CA ASP B 87 23.86 26.26 -11.66
C ASP B 87 24.93 26.34 -12.74
N TYR B 88 26.18 26.09 -12.33
CA TYR B 88 27.32 26.13 -13.24
C TYR B 88 28.06 24.80 -13.19
N TYR B 89 28.25 24.21 -14.35
CA TYR B 89 28.94 22.93 -14.49
C TYR B 89 30.23 23.13 -15.28
N CYS B 90 31.28 22.42 -14.88
CA CYS B 90 32.48 22.31 -15.68
C CYS B 90 32.53 20.94 -16.35
N SER B 91 33.22 20.87 -17.49
CA SER B 91 33.37 19.64 -18.22
C SER B 91 34.80 19.52 -18.71
N SER B 92 35.23 18.29 -18.97
CA SER B 92 36.60 18.02 -19.35
C SER B 92 36.72 16.63 -19.94
N TYR B 93 37.89 16.35 -20.52
CA TYR B 93 38.27 15.00 -20.87
C TYR B 93 38.46 14.16 -19.60
N THR B 94 38.54 12.84 -19.75
CA THR B 94 38.71 11.96 -18.61
C THR B 94 39.79 10.92 -18.84
N ASP B 95 40.49 10.60 -17.76
CA ASP B 95 41.43 9.49 -17.70
C ASP B 95 40.71 8.14 -17.72
N THR B 96 39.45 8.11 -17.36
CA THR B 96 38.63 6.91 -17.33
C THR B 96 38.07 6.54 -18.68
N ASN B 97 37.10 5.68 -18.72
CA ASN B 97 36.58 5.10 -19.97
C ASN B 97 35.75 5.97 -20.97
N ASN B 98 35.03 6.91 -19.92
CA ASN B 98 34.07 7.82 -20.55
C ASN B 98 34.80 8.95 -21.27
N PHE B 99 34.20 9.43 -22.35
CA PHE B 99 34.81 10.49 -23.13
C PHE B 99 34.81 11.82 -22.37
N TYR B 100 33.79 12.06 -21.55
CA TYR B 100 33.62 13.34 -20.87
C TYR B 100 33.14 13.10 -19.45
N VAL B 101 33.48 14.04 -18.57
CA VAL B 101 32.94 14.08 -17.22
C VAL B 101 32.49 15.51 -16.93
N PHE B 102 31.37 15.64 -16.23
CA PHE B 102 30.86 16.93 -15.77
C PHE B 102 31.13 17.07 -14.28
N GLY B 103 31.28 18.31 -13.84
CA GLY B 103 31.43 18.57 -12.42
C GLY B 103 30.13 18.34 -11.67
N THR B 104 30.26 18.29 -10.35
CA THR B 104 29.08 18.08 -9.51
C THR B 104 28.11 19.26 -9.56
N GLY B 105 28.60 20.44 -9.92
CA GLY B 105 27.73 21.58 -10.06
C GLY B 105 27.83 22.57 -8.92
N THR B 106 27.79 23.86 -9.24
CA THR B 106 27.82 24.94 -8.26
C THR B 106 26.65 25.87 -8.51
N LYS B 107 25.83 26.09 -7.50
CA LYS B 107 24.79 27.10 -7.57
C LYS B 107 25.38 28.44 -7.14
N VAL B 108 25.39 29.40 -8.05
CA VAL B 108 25.80 30.77 -7.74
C VAL B 108 24.56 31.56 -7.38
N THR B 109 24.53 32.10 -6.17
CA THR B 109 23.42 32.90 -5.70
C THR B 109 23.81 34.38 -5.73
N VAL B 110 22.97 35.20 -6.35
CA VAL B 110 23.12 36.64 -6.30
C VAL B 110 22.34 37.12 -5.09
N LEU B 111 23.05 37.59 -4.06
CA LEU B 111 22.44 37.81 -2.75
C LEU B 111 21.42 38.94 -2.80
N GLY B 112 20.22 38.67 -2.29
CA GLY B 112 19.18 39.67 -2.20
C GLY B 112 18.54 39.74 -0.83
N GLN B 113 19.06 38.93 0.09
CA GLN B 113 18.57 38.92 1.47
C GLN B 113 19.69 38.40 2.36
N PRO B 114 19.62 38.60 3.67
CA PRO B 114 20.67 38.11 4.56
C PRO B 114 20.73 36.59 4.59
N LYS B 115 21.93 36.08 4.85
CA LYS B 115 22.14 34.64 4.98
C LYS B 115 21.38 34.11 6.20
N ALA B 116 20.85 32.90 6.06
CA ALA B 116 20.07 32.26 7.11
C ALA B 116 20.57 30.84 7.33
N ASN B 117 20.83 30.48 8.58
CA ASN B 117 21.22 29.12 8.90
C ASN B 117 20.01 28.19 8.84
N PRO B 118 20.19 26.97 8.38
CA PRO B 118 19.04 26.07 8.20
C PRO B 118 18.53 25.50 9.52
N THR B 119 17.25 25.15 9.52
CA THR B 119 16.61 24.36 10.56
C THR B 119 16.36 22.97 10.01
N VAL B 120 16.73 21.94 10.77
CA VAL B 120 16.65 20.56 10.32
C VAL B 120 15.71 19.80 11.25
N THR B 121 14.69 19.16 10.67
CA THR B 121 13.75 18.33 11.40
C THR B 121 13.75 16.94 10.79
N LEU B 122 14.12 15.94 11.58
CA LEU B 122 14.20 14.55 11.13
C LEU B 122 13.07 13.75 11.74
N PHE B 123 12.22 13.16 10.89
CA PHE B 123 11.10 12.33 11.33
C PHE B 123 11.42 10.86 11.15
N PRO B 124 11.25 10.03 12.17
CA PRO B 124 11.40 8.58 11.99
C PRO B 124 10.22 8.01 11.24
N PRO B 125 10.29 6.76 10.79
CA PRO B 125 9.12 6.13 10.17
C PRO B 125 7.96 6.06 11.16
N SER B 126 6.76 6.37 10.67
CA SER B 126 5.57 6.23 11.51
C SER B 126 5.23 4.76 11.68
N SER B 127 4.59 4.44 12.80
CA SER B 127 4.17 3.06 13.04
C SER B 127 3.14 2.61 12.01
N GLU B 128 2.35 3.55 11.47
CA GLU B 128 1.38 3.21 10.44
C GLU B 128 2.07 2.78 9.16
N GLU B 129 3.13 3.48 8.74
CA GLU B 129 3.86 3.07 7.55
C GLU B 129 4.55 1.73 7.75
N LEU B 130 5.10 1.50 8.95
CA LEU B 130 5.70 0.21 9.24
C LEU B 130 4.68 -0.92 9.13
N GLN B 131 3.43 -0.65 9.50
CA GLN B 131 2.37 -1.62 9.31
C GLN B 131 2.11 -1.91 7.84
N ALA B 132 2.46 -0.98 6.95
CA ALA B 132 2.39 -1.18 5.51
C ALA B 132 3.69 -1.74 4.96
N ASN B 133 4.56 -2.26 5.83
CA ASN B 133 5.82 -2.90 5.43
C ASN B 133 6.74 -1.94 4.68
N LYS B 134 6.75 -0.68 5.11
CA LYS B 134 7.65 0.32 4.56
C LYS B 134 8.16 1.19 5.69
N ALA B 135 9.27 1.89 5.42
CA ALA B 135 9.90 2.76 6.41
C ALA B 135 10.62 3.88 5.68
N THR B 136 10.17 5.10 5.87
CA THR B 136 10.75 6.27 5.21
C THR B 136 11.20 7.26 6.27
N LEU B 137 12.48 7.64 6.22
CA LEU B 137 13.01 8.71 7.05
C LEU B 137 12.85 10.03 6.29
N VAL B 138 12.32 11.04 6.97
CA VAL B 138 12.02 12.33 6.35
C VAL B 138 12.88 13.39 7.03
N CYS B 139 13.79 13.99 6.27
CA CYS B 139 14.65 15.06 6.75
C CYS B 139 14.25 16.35 6.06
N LEU B 140 13.77 17.31 6.85
CA LEU B 140 13.23 18.57 6.34
C LEU B 140 14.16 19.71 6.74
N ILE B 141 14.62 20.45 5.73
CA ILE B 141 15.54 21.56 5.91
C ILE B 141 14.82 22.84 5.52
N SER B 142 14.80 23.82 6.41
CA SER B 142 13.95 24.98 6.23
C SER B 142 14.66 26.25 6.68
N ASP B 143 14.14 27.38 6.17
CA ASP B 143 14.52 28.72 6.64
C ASP B 143 16.00 29.02 6.46
N PHE B 144 16.57 28.61 5.32
CA PHE B 144 17.96 28.87 5.03
C PHE B 144 18.12 29.70 3.77
N TYR B 145 19.27 30.37 3.68
CA TYR B 145 19.64 31.17 2.51
C TYR B 145 21.14 31.30 2.50
N PRO B 146 21.81 31.18 1.34
CA PRO B 146 21.26 30.89 0.00
C PRO B 146 20.66 29.48 -0.12
N GLY B 147 19.92 29.25 -1.20
CA GLY B 147 19.22 27.99 -1.39
C GLY B 147 20.10 26.89 -1.93
N ALA B 148 21.10 26.48 -1.15
CA ALA B 148 21.98 25.39 -1.52
C ALA B 148 22.37 24.64 -0.25
N VAL B 149 22.11 23.33 -0.23
CA VAL B 149 22.50 22.48 0.90
C VAL B 149 23.03 21.17 0.34
N THR B 150 23.73 20.44 1.21
CA THR B 150 24.16 19.08 0.94
C THR B 150 23.65 18.19 2.07
N VAL B 151 23.10 17.03 1.71
CA VAL B 151 22.48 16.13 2.67
C VAL B 151 23.21 14.79 2.63
N ALA B 152 23.67 14.34 3.80
CA ALA B 152 24.31 13.04 3.94
C ALA B 152 23.56 12.24 4.99
N TRP B 153 23.40 10.94 4.74
CA TRP B 153 22.69 10.04 5.65
C TRP B 153 23.67 9.04 6.25
N LYS B 154 23.42 8.69 7.51
CA LYS B 154 24.25 7.72 8.22
C LYS B 154 23.36 6.64 8.82
N ALA B 155 23.81 5.39 8.71
CA ALA B 155 23.26 4.28 9.48
C ALA B 155 24.28 3.98 10.57
N ASP B 156 23.91 4.30 11.82
CA ASP B 156 24.87 4.38 12.91
C ASP B 156 25.91 5.42 12.55
N SER B 157 27.16 4.99 12.33
CA SER B 157 28.22 5.88 11.86
C SER B 157 28.59 5.64 10.41
N SER B 158 27.88 4.74 9.72
CA SER B 158 28.24 4.38 8.35
C SER B 158 27.41 5.21 7.37
N PRO B 159 28.05 5.89 6.41
CA PRO B 159 27.28 6.67 5.43
C PRO B 159 26.45 5.78 4.54
N VAL B 160 25.29 6.30 4.15
CA VAL B 160 24.32 5.59 3.31
C VAL B 160 24.08 6.42 2.06
N LYS B 161 24.17 5.78 0.91
CA LYS B 161 23.88 6.43 -0.37
C LYS B 161 22.65 5.87 -1.07
N ALA B 162 22.39 4.57 -0.96
CA ALA B 162 21.26 3.95 -1.64
C ALA B 162 19.96 4.26 -0.90
N GLY B 163 18.89 4.45 -1.66
CA GLY B 163 17.60 4.77 -1.09
C GLY B 163 17.40 6.22 -0.70
N VAL B 164 18.32 7.11 -1.10
CA VAL B 164 18.28 8.52 -0.73
C VAL B 164 17.73 9.32 -1.91
N GLU B 165 16.76 10.19 -1.63
CA GLU B 165 16.22 11.11 -2.62
C GLU B 165 16.09 12.48 -1.97
N THR B 166 16.57 13.52 -2.66
CA THR B 166 16.59 14.87 -2.12
C THR B 166 16.07 15.85 -3.17
N THR B 167 15.16 16.73 -2.75
CA THR B 167 14.61 17.75 -3.64
C THR B 167 15.50 18.98 -3.67
N THR B 168 15.45 19.72 -4.78
CA THR B 168 16.23 20.95 -4.86
C THR B 168 15.52 22.07 -4.08
N PRO B 169 16.28 22.93 -3.41
CA PRO B 169 15.65 23.95 -2.57
C PRO B 169 14.72 24.86 -3.36
N SER B 170 13.59 25.20 -2.74
CA SER B 170 12.63 26.15 -3.30
C SER B 170 12.16 27.09 -2.20
N LYS B 171 11.60 28.22 -2.61
CA LYS B 171 11.26 29.28 -1.66
C LYS B 171 10.06 28.91 -0.80
N GLN B 172 10.09 29.34 0.45
CA GLN B 172 8.94 29.26 1.34
C GLN B 172 8.08 30.50 1.19
N SER B 173 7.04 30.60 2.01
CA SER B 173 6.20 31.79 1.99
C SER B 173 6.96 33.01 2.49
N ASN B 174 7.86 32.84 3.45
CA ASN B 174 8.65 33.93 4.00
C ASN B 174 9.92 34.20 3.21
N ASN B 175 10.00 33.69 1.97
CA ASN B 175 11.06 33.95 1.01
C ASN B 175 12.40 33.30 1.36
N LYS B 176 12.45 32.49 2.42
CA LYS B 176 13.62 31.67 2.66
C LYS B 176 13.43 30.32 1.97
N TYR B 177 14.50 29.54 1.90
CA TYR B 177 14.48 28.30 1.16
C TYR B 177 14.17 27.12 2.07
N ALA B 178 13.54 26.09 1.49
CA ALA B 178 13.30 24.83 2.16
C ALA B 178 13.69 23.69 1.23
N ALA B 179 14.03 22.55 1.83
CA ALA B 179 14.36 21.36 1.07
C ALA B 179 14.01 20.12 1.90
N SER B 180 13.87 19.00 1.21
CA SER B 180 13.49 17.75 1.85
C SER B 180 14.40 16.62 1.37
N SER B 181 14.63 15.65 2.25
CA SER B 181 15.41 14.46 1.92
C SER B 181 14.74 13.24 2.51
N TYR B 182 14.73 12.15 1.74
CA TYR B 182 14.12 10.90 2.14
C TYR B 182 15.13 9.77 2.10
N LEU B 183 15.05 8.88 3.10
CA LEU B 183 15.79 7.62 3.10
C LEU B 183 14.78 6.50 3.22
N SER B 184 14.62 5.73 2.15
CA SER B 184 13.64 4.64 2.12
C SER B 184 14.33 3.36 2.57
N LEU B 185 13.79 2.74 3.61
CA LEU B 185 14.35 1.53 4.19
C LEU B 185 13.27 0.46 4.25
N THR B 186 13.71 -0.79 4.40
CA THR B 186 12.78 -1.82 4.83
C THR B 186 12.56 -1.71 6.34
N PRO B 187 11.41 -2.17 6.85
CA PRO B 187 11.23 -2.20 8.30
C PRO B 187 12.32 -2.99 9.01
N GLU B 188 12.89 -3.99 8.35
CA GLU B 188 14.00 -4.74 8.94
C GLU B 188 15.27 -3.88 9.00
N GLN B 189 15.55 -3.14 7.93
CA GLN B 189 16.72 -2.25 7.94
C GLN B 189 16.58 -1.18 9.01
N TRP B 190 15.37 -0.68 9.21
CA TRP B 190 15.14 0.38 10.20
C TRP B 190 15.43 -0.12 11.61
N LYS B 191 15.01 -1.34 11.93
CA LYS B 191 15.12 -1.88 13.28
C LYS B 191 16.43 -2.64 13.51
N SER B 192 17.26 -2.83 12.49
CA SER B 192 18.50 -3.57 12.64
C SER B 192 19.68 -2.66 12.96
N HIS B 193 19.47 -1.37 13.12
CA HIS B 193 20.54 -0.44 13.45
C HIS B 193 20.17 0.35 14.70
N ARG B 194 21.20 0.82 15.41
CA ARG B 194 20.99 1.57 16.63
C ARG B 194 20.34 2.92 16.35
N SER B 195 20.73 3.58 15.25
CA SER B 195 20.21 4.90 14.95
C SER B 195 20.49 5.25 13.50
N TYR B 196 19.78 6.27 13.02
CA TYR B 196 20.01 6.86 11.72
C TYR B 196 20.14 8.37 11.89
N SER B 197 20.93 9.00 11.01
CA SER B 197 21.22 10.42 11.12
C SER B 197 21.10 11.10 9.78
N CYS B 198 20.58 12.32 9.79
CA CYS B 198 20.55 13.20 8.62
C CYS B 198 21.49 14.37 8.89
N GLN B 199 22.49 14.53 8.04
CA GLN B 199 23.51 15.57 8.20
C GLN B 199 23.41 16.56 7.05
N VAL B 200 23.15 17.83 7.39
CA VAL B 200 22.96 18.90 6.41
C VAL B 200 24.16 19.83 6.48
N THR B 201 24.73 20.15 5.31
CA THR B 201 25.84 21.08 5.19
C THR B 201 25.38 22.31 4.42
N HIS B 202 25.50 23.48 5.04
CA HIS B 202 25.07 24.73 4.44
C HIS B 202 26.12 25.81 4.70
N GLU B 203 26.72 26.32 3.62
CA GLU B 203 27.71 27.39 3.70
C GLU B 203 28.87 27.03 4.63
N GLY B 204 29.33 25.78 4.55
CA GLY B 204 30.44 25.31 5.34
C GLY B 204 30.13 24.86 6.75
N SER B 205 28.89 25.07 7.21
CA SER B 205 28.47 24.62 8.54
C SER B 205 27.60 23.37 8.41
N THR B 206 27.55 22.59 9.50
CA THR B 206 26.92 21.28 9.48
C THR B 206 25.95 21.16 10.64
N VAL B 207 24.72 20.72 10.34
CA VAL B 207 23.72 20.38 11.35
C VAL B 207 23.36 18.91 11.17
N GLU B 208 23.30 18.17 12.28
CA GLU B 208 23.04 16.74 12.23
C GLU B 208 21.99 16.37 13.26
N LYS B 209 20.97 15.64 12.82
CA LYS B 209 19.91 15.12 13.67
C LYS B 209 19.93 13.60 13.61
N THR B 210 19.46 12.97 14.69
CA THR B 210 19.53 11.52 14.83
C THR B 210 18.22 10.97 15.38
N VAL B 211 17.75 9.87 14.80
CA VAL B 211 16.59 9.13 15.29
C VAL B 211 16.99 7.68 15.51
N ALA B 212 16.23 7.01 16.38
CA ALA B 212 16.46 5.63 16.76
C ALA B 212 15.14 4.87 16.68
N PRO B 213 15.19 3.55 16.50
CA PRO B 213 13.93 2.80 16.47
C PRO B 213 13.17 2.84 17.79
N THR B 214 13.87 2.88 18.92
CA THR B 214 13.24 2.92 20.24
C THR B 214 12.97 4.37 20.62
N GLU B 215 11.88 4.92 20.10
CA GLU B 215 11.47 6.28 20.42
C GLU B 215 10.24 6.28 21.32
N CYS B 216 10.25 7.15 22.32
CA CYS B 216 9.05 7.50 23.08
C CYS B 216 8.37 6.29 23.72
N GLU C 1 -26.75 -21.99 39.82
CA GLU C 1 -26.77 -22.16 38.38
C GLU C 1 -25.39 -22.54 37.84
N VAL C 2 -25.35 -23.62 37.06
CA VAL C 2 -24.10 -24.09 36.50
C VAL C 2 -23.64 -23.13 35.41
N GLN C 3 -22.35 -22.74 35.47
CA GLN C 3 -21.81 -21.77 34.52
C GLN C 3 -20.35 -22.11 34.22
N LEU C 4 -19.92 -21.72 33.02
CA LEU C 4 -18.53 -21.76 32.62
C LEU C 4 -18.16 -20.40 32.04
N VAL C 5 -17.02 -19.86 32.44
CA VAL C 5 -16.57 -18.54 32.01
C VAL C 5 -15.13 -18.65 31.52
N GLU C 6 -14.89 -18.24 30.28
CA GLU C 6 -13.56 -18.25 29.69
C GLU C 6 -12.96 -16.85 29.72
N SER C 7 -11.63 -16.80 29.73
CA SER C 7 -10.91 -15.53 29.69
C SER C 7 -9.48 -15.79 29.21
N GLY C 8 -8.84 -14.73 28.75
CA GLY C 8 -7.45 -14.78 28.32
C GLY C 8 -7.23 -14.55 26.84
N GLY C 9 -8.26 -14.36 26.02
CA GLY C 9 -8.06 -14.15 24.60
C GLY C 9 -7.69 -12.71 24.26
N GLY C 10 -7.27 -12.53 23.01
CA GLY C 10 -6.91 -11.20 22.55
C GLY C 10 -5.98 -11.29 21.33
N LEU C 11 -5.16 -10.26 21.19
CA LEU C 11 -4.22 -10.16 20.08
C LEU C 11 -2.87 -10.75 20.47
N ILE C 12 -2.31 -11.56 19.57
CA ILE C 12 -0.95 -12.09 19.74
C ILE C 12 -0.34 -12.28 18.36
N GLN C 13 0.96 -12.07 18.28
CA GLN C 13 1.66 -12.21 17.00
C GLN C 13 1.79 -13.68 16.63
N PRO C 14 1.86 -13.98 15.33
CA PRO C 14 2.14 -15.36 14.91
C PRO C 14 3.44 -15.86 15.53
N GLY C 15 3.39 -17.09 16.06
CA GLY C 15 4.51 -17.66 16.76
C GLY C 15 4.54 -17.41 18.25
N GLY C 16 3.74 -16.45 18.74
CA GLY C 16 3.69 -16.17 20.16
C GLY C 16 2.88 -17.19 20.92
N SER C 17 2.84 -17.01 22.24
CA SER C 17 2.14 -17.91 23.14
C SER C 17 0.97 -17.18 23.79
N LEU C 18 0.00 -17.97 24.24
CA LEU C 18 -1.19 -17.44 24.89
C LEU C 18 -1.83 -18.56 25.71
N ARG C 19 -2.38 -18.21 26.87
CA ARG C 19 -3.02 -19.18 27.75
C ARG C 19 -4.46 -18.75 28.02
N LEU C 20 -5.39 -19.67 27.81
CA LEU C 20 -6.80 -19.43 28.06
C LEU C 20 -7.23 -20.12 29.34
N SER C 21 -8.18 -19.50 30.04
CA SER C 21 -8.71 -20.05 31.28
C SER C 21 -10.19 -20.34 31.13
N CYS C 22 -10.68 -21.27 31.95
CA CYS C 22 -12.11 -21.62 31.97
C CYS C 22 -12.48 -21.87 33.43
N SER C 23 -13.10 -20.87 34.06
CA SER C 23 -13.51 -20.97 35.46
C SER C 23 -14.93 -21.51 35.53
N ALA C 24 -15.11 -22.55 36.33
CA ALA C 24 -16.42 -23.17 36.54
C ALA C 24 -17.03 -22.70 37.85
N SER C 25 -18.36 -22.71 37.90
CA SER C 25 -19.09 -22.35 39.10
C SER C 25 -20.25 -23.30 39.31
N GLU C 26 -20.52 -23.63 40.57
CA GLU C 26 -21.60 -24.50 41.00
C GLU C 26 -21.43 -25.94 40.52
N PHE C 27 -20.25 -26.29 40.03
CA PHE C 27 -19.88 -27.67 39.71
C PHE C 27 -18.37 -27.70 39.50
N THR C 28 -17.77 -28.86 39.74
CA THR C 28 -16.32 -28.97 39.81
C THR C 28 -15.77 -29.57 38.52
N VAL C 29 -14.70 -28.95 38.02
CA VAL C 29 -14.00 -29.45 36.84
C VAL C 29 -13.35 -30.80 37.09
N SER C 30 -13.04 -31.13 38.35
CA SER C 30 -12.27 -32.33 38.65
C SER C 30 -12.98 -33.59 38.17
N GLY C 31 -14.26 -33.73 38.47
CA GLY C 31 -14.97 -34.96 38.16
C GLY C 31 -15.76 -34.95 36.87
N ASN C 32 -15.25 -34.25 35.85
CA ASN C 32 -15.94 -34.16 34.57
C ASN C 32 -14.93 -34.18 33.44
N TYR C 33 -15.35 -34.70 32.29
CA TYR C 33 -14.58 -34.58 31.07
C TYR C 33 -14.74 -33.16 30.53
N MET C 34 -13.63 -32.47 30.32
CA MET C 34 -13.63 -31.08 29.88
C MET C 34 -12.96 -30.99 28.53
N THR C 35 -13.54 -30.17 27.64
CA THR C 35 -13.06 -30.07 26.27
C THR C 35 -12.99 -28.61 25.85
N TRP C 36 -12.26 -28.37 24.76
CA TRP C 36 -12.18 -27.08 24.11
C TRP C 36 -12.65 -27.21 22.67
N VAL C 37 -13.48 -26.27 22.23
CA VAL C 37 -13.99 -26.22 20.86
C VAL C 37 -13.87 -24.79 20.37
N ARG C 38 -13.23 -24.62 19.21
CA ARG C 38 -13.03 -23.31 18.62
C ARG C 38 -13.84 -23.15 17.34
N GLN C 39 -14.04 -21.90 16.95
CA GLN C 39 -14.82 -21.60 15.75
C GLN C 39 -14.24 -20.36 15.10
N ALA C 40 -13.67 -20.53 13.91
CA ALA C 40 -13.20 -19.39 13.15
C ALA C 40 -14.40 -18.54 12.69
N PRO C 41 -14.24 -17.22 12.61
CA PRO C 41 -15.37 -16.36 12.27
C PRO C 41 -15.99 -16.73 10.92
N GLY C 42 -17.30 -16.97 10.94
CA GLY C 42 -18.01 -17.37 9.74
C GLY C 42 -17.76 -18.81 9.31
N LYS C 43 -17.23 -19.64 10.20
CA LYS C 43 -16.93 -21.03 9.88
C LYS C 43 -17.63 -21.94 10.88
N GLY C 44 -17.33 -23.24 10.78
CA GLY C 44 -17.97 -24.24 11.61
C GLY C 44 -17.18 -24.55 12.88
N LEU C 45 -17.74 -25.45 13.68
CA LEU C 45 -17.13 -25.85 14.93
C LEU C 45 -16.00 -26.84 14.68
N GLU C 46 -14.93 -26.70 15.46
CA GLU C 46 -13.77 -27.59 15.39
C GLU C 46 -13.36 -27.99 16.79
N TRP C 47 -13.39 -29.29 17.06
CA TRP C 47 -12.92 -29.79 18.35
C TRP C 47 -11.40 -29.62 18.46
N VAL C 48 -10.95 -29.15 19.62
CA VAL C 48 -9.55 -28.81 19.84
C VAL C 48 -8.85 -29.87 20.70
N SER C 49 -9.27 -29.99 21.96
CA SER C 49 -8.65 -30.92 22.88
C SER C 49 -9.65 -31.30 23.97
N ILE C 50 -9.32 -32.33 24.72
CA ILE C 50 -10.16 -32.82 25.81
C ILE C 50 -9.27 -33.36 26.91
N ILE C 51 -9.72 -33.21 28.16
CA ILE C 51 -9.04 -33.78 29.32
C ILE C 51 -10.06 -34.62 30.10
N TYR C 52 -9.63 -35.81 30.53
CA TYR C 52 -10.52 -36.74 31.20
C TYR C 52 -10.46 -36.53 32.71
N THR C 53 -11.30 -37.28 33.43
CA THR C 53 -11.31 -37.19 34.88
C THR C 53 -9.98 -37.64 35.49
N GLY C 54 -9.37 -38.66 34.91
CA GLY C 54 -8.08 -39.13 35.40
C GLY C 54 -6.91 -38.27 34.98
N GLY C 55 -7.12 -37.35 34.03
CA GLY C 55 -6.08 -36.44 33.59
C GLY C 55 -5.53 -36.70 32.21
N SER C 56 -6.07 -37.67 31.47
CA SER C 56 -5.58 -37.95 30.12
C SER C 56 -5.97 -36.82 29.18
N THR C 57 -5.04 -36.42 28.32
CA THR C 57 -5.24 -35.33 27.38
C THR C 57 -5.08 -35.84 25.95
N TYR C 58 -5.97 -35.37 25.07
CA TYR C 58 -5.94 -35.72 23.66
C TYR C 58 -6.19 -34.47 22.84
N TYR C 59 -5.56 -34.40 21.67
CA TYR C 59 -5.56 -33.18 20.86
C TYR C 59 -5.88 -33.51 19.42
N ALA C 60 -6.49 -32.54 18.73
CA ALA C 60 -6.70 -32.66 17.30
C ALA C 60 -5.37 -32.57 16.56
N ASP C 61 -5.32 -33.18 15.38
CA ASP C 61 -4.08 -33.21 14.61
C ASP C 61 -3.65 -31.81 14.20
N SER C 62 -4.59 -30.90 14.02
CA SER C 62 -4.26 -29.54 13.62
C SER C 62 -3.65 -28.72 14.76
N VAL C 63 -3.51 -29.29 15.94
CA VAL C 63 -3.10 -28.51 17.11
C VAL C 63 -2.14 -29.32 17.97
N LYS C 64 -2.02 -30.61 17.66
CA LYS C 64 -1.13 -31.48 18.40
C LYS C 64 0.31 -30.95 18.37
N GLY C 65 1.02 -31.13 19.48
CA GLY C 65 2.38 -30.69 19.61
C GLY C 65 2.57 -29.23 20.00
N ARG C 66 1.55 -28.40 19.81
CA ARG C 66 1.63 -26.98 20.15
C ARG C 66 0.75 -26.59 21.32
N PHE C 67 -0.44 -27.17 21.44
CA PHE C 67 -1.35 -26.83 22.51
C PHE C 67 -1.17 -27.78 23.69
N SER C 68 -1.56 -27.32 24.87
CA SER C 68 -1.48 -28.13 26.08
C SER C 68 -2.66 -27.79 26.97
N ILE C 69 -3.54 -28.77 27.20
CA ILE C 69 -4.71 -28.60 28.06
C ILE C 69 -4.38 -29.12 29.44
N SER C 70 -4.85 -28.42 30.47
CA SER C 70 -4.58 -28.80 31.85
C SER C 70 -5.72 -28.30 32.73
N ARG C 71 -5.80 -28.88 33.93
CA ARG C 71 -6.84 -28.53 34.88
C ARG C 71 -6.20 -28.24 36.25
N ASP C 72 -6.90 -27.43 37.04
CA ASP C 72 -6.49 -27.09 38.41
C ASP C 72 -7.69 -27.39 39.30
N ASP C 73 -7.70 -28.59 39.90
CA ASP C 73 -8.80 -28.96 40.78
C ASP C 73 -8.90 -28.02 41.97
N SER C 74 -7.76 -27.52 42.45
CA SER C 74 -7.77 -26.62 43.60
C SER C 74 -8.42 -25.28 43.26
N ARG C 75 -8.22 -24.80 42.04
CA ARG C 75 -8.79 -23.54 41.58
C ARG C 75 -10.08 -23.73 40.79
N ASN C 76 -10.43 -24.97 40.45
CA ASN C 76 -11.63 -25.28 39.67
C ASN C 76 -11.64 -24.52 38.34
N THR C 77 -10.51 -24.56 37.65
CA THR C 77 -10.32 -23.82 36.42
C THR C 77 -9.66 -24.70 35.37
N LEU C 78 -10.18 -24.65 34.15
CA LEU C 78 -9.60 -25.36 33.01
C LEU C 78 -8.69 -24.39 32.23
N TYR C 79 -7.56 -24.91 31.76
CA TYR C 79 -6.59 -24.11 31.05
C TYR C 79 -6.29 -24.69 29.68
N LEU C 80 -5.81 -23.84 28.77
CA LEU C 80 -5.39 -24.26 27.43
C LEU C 80 -4.17 -23.42 27.06
N GLN C 81 -2.99 -24.04 27.13
CA GLN C 81 -1.75 -23.36 26.77
C GLN C 81 -1.55 -23.48 25.26
N MET C 82 -1.52 -22.34 24.57
CA MET C 82 -1.36 -22.29 23.13
C MET C 82 0.00 -21.71 22.79
N ASN C 83 0.81 -22.48 22.08
CA ASN C 83 2.16 -22.08 21.69
C ASN C 83 2.30 -22.16 20.17
N SER C 84 3.26 -21.40 19.65
CA SER C 84 3.56 -21.36 18.22
C SER C 84 2.30 -21.10 17.41
N LEU C 85 1.55 -20.08 17.82
CA LEU C 85 0.26 -19.78 17.21
C LEU C 85 0.43 -19.33 15.76
N ARG C 86 -0.53 -19.74 14.92
CA ARG C 86 -0.57 -19.38 13.52
C ARG C 86 -1.88 -18.67 13.22
N ALA C 87 -1.95 -18.08 12.02
CA ALA C 87 -3.17 -17.39 11.61
C ALA C 87 -4.37 -18.32 11.54
N GLU C 88 -4.15 -19.63 11.38
CA GLU C 88 -5.23 -20.61 11.36
C GLU C 88 -5.89 -20.79 12.73
N ASP C 89 -5.26 -20.31 13.79
CA ASP C 89 -5.79 -20.46 15.15
C ASP C 89 -6.70 -19.31 15.56
N THR C 90 -6.89 -18.31 14.70
CA THR C 90 -7.81 -17.22 15.00
C THR C 90 -9.24 -17.76 15.06
N ALA C 91 -9.83 -17.77 16.25
CA ALA C 91 -11.15 -18.34 16.44
C ALA C 91 -11.69 -17.92 17.79
N VAL C 92 -12.98 -18.12 17.99
CA VAL C 92 -13.60 -18.03 19.30
C VAL C 92 -13.48 -19.40 19.96
N TYR C 93 -12.79 -19.44 21.10
CA TYR C 93 -12.53 -20.70 21.79
C TYR C 93 -13.56 -20.92 22.88
N TYR C 94 -14.28 -22.02 22.79
CA TYR C 94 -15.30 -22.37 23.76
C TYR C 94 -14.80 -23.49 24.68
N CYS C 95 -15.25 -23.43 25.93
CA CYS C 95 -14.96 -24.44 26.93
C CYS C 95 -16.28 -25.12 27.28
N ALA C 96 -16.31 -26.45 27.14
CA ALA C 96 -17.54 -27.21 27.33
C ALA C 96 -17.29 -28.44 28.19
N ARG C 97 -18.35 -28.91 28.83
CA ARG C 97 -18.33 -30.12 29.65
C ARG C 97 -19.05 -31.25 28.92
N ALA C 98 -18.49 -32.45 29.00
CA ALA C 98 -19.09 -33.61 28.36
C ALA C 98 -20.22 -34.18 29.22
N LEU C 99 -20.91 -35.18 28.66
CA LEU C 99 -22.01 -35.86 29.34
C LEU C 99 -23.09 -34.88 29.80
N SER C 108 -18.60 -38.35 26.40
CA SER C 108 -19.53 -38.56 25.30
C SER C 108 -19.44 -37.44 24.27
N HIS C 109 -20.01 -37.70 23.09
CA HIS C 109 -20.14 -36.67 22.07
C HIS C 109 -20.89 -35.45 22.58
N ALA C 110 -21.80 -35.65 23.54
CA ALA C 110 -22.64 -34.57 24.02
C ALA C 110 -21.87 -33.61 24.90
N PHE C 111 -21.94 -32.32 24.57
CA PHE C 111 -21.43 -31.24 25.40
C PHE C 111 -22.62 -30.40 25.82
N ASP C 112 -22.98 -30.47 27.10
CA ASP C 112 -24.21 -29.85 27.59
C ASP C 112 -24.01 -28.48 28.22
N ILE C 113 -22.84 -28.22 28.81
CA ILE C 113 -22.55 -26.95 29.46
C ILE C 113 -21.45 -26.26 28.67
N TRP C 114 -21.71 -25.00 28.29
CA TRP C 114 -20.79 -24.23 27.46
C TRP C 114 -20.55 -22.86 28.07
N GLY C 115 -19.34 -22.34 27.89
CA GLY C 115 -19.05 -20.97 28.21
C GLY C 115 -19.47 -20.04 27.09
N GLN C 116 -19.24 -18.74 27.31
CA GLN C 116 -19.57 -17.77 26.27
C GLN C 116 -18.50 -17.68 25.19
N GLY C 117 -17.28 -18.11 25.48
CA GLY C 117 -16.20 -18.12 24.51
C GLY C 117 -15.28 -16.91 24.65
N THR C 118 -14.06 -17.08 24.16
CA THR C 118 -13.08 -16.00 24.09
C THR C 118 -12.53 -15.89 22.68
N MET C 119 -12.30 -14.67 22.24
CA MET C 119 -11.77 -14.42 20.91
C MET C 119 -10.24 -14.41 20.96
N VAL C 120 -9.63 -15.21 20.09
CA VAL C 120 -8.18 -15.23 19.90
C VAL C 120 -7.92 -14.78 18.48
N THR C 121 -7.10 -13.74 18.33
CA THR C 121 -6.74 -13.21 17.02
C THR C 121 -5.22 -13.28 16.88
N VAL C 122 -4.75 -14.04 15.91
CA VAL C 122 -3.32 -14.21 15.65
C VAL C 122 -2.94 -13.25 14.53
N SER C 123 -2.26 -12.16 14.88
CA SER C 123 -1.91 -11.16 13.89
C SER C 123 -0.77 -10.31 14.42
N SER C 124 0.04 -9.79 13.49
CA SER C 124 1.12 -8.86 13.80
C SER C 124 0.69 -7.41 13.65
N ALA C 125 -0.59 -7.15 13.39
CA ALA C 125 -1.03 -5.83 12.98
C ALA C 125 -1.27 -4.91 14.17
N SER C 126 -1.10 -3.62 13.92
CA SER C 126 -1.53 -2.58 14.85
C SER C 126 -2.35 -1.59 14.02
N THR C 127 -2.48 -0.36 14.51
CA THR C 127 -3.29 0.64 13.84
C THR C 127 -2.80 0.84 12.40
N LYS C 128 -3.72 0.66 11.45
CA LYS C 128 -3.37 0.69 10.03
C LYS C 128 -4.54 1.22 9.24
N GLY C 129 -4.29 2.24 8.41
CA GLY C 129 -5.32 2.85 7.61
C GLY C 129 -5.68 2.03 6.39
N PRO C 130 -6.91 2.19 5.91
CA PRO C 130 -7.38 1.40 4.77
C PRO C 130 -6.94 1.99 3.44
N SER C 131 -6.88 1.12 2.44
CA SER C 131 -6.72 1.49 1.04
C SER C 131 -8.06 1.31 0.34
N VAL C 132 -8.49 2.31 -0.41
CA VAL C 132 -9.80 2.31 -1.07
C VAL C 132 -9.60 2.17 -2.56
N PHE C 133 -10.25 1.18 -3.16
CA PHE C 133 -10.19 0.99 -4.59
C PHE C 133 -11.61 0.98 -5.16
N PRO C 134 -11.79 1.50 -6.37
CA PRO C 134 -13.15 1.61 -6.92
C PRO C 134 -13.64 0.29 -7.49
N LEU C 135 -14.94 0.03 -7.29
CA LEU C 135 -15.63 -1.07 -7.95
C LEU C 135 -16.47 -0.45 -9.06
N ALA C 136 -15.83 -0.23 -10.21
CA ALA C 136 -16.41 0.57 -11.27
C ALA C 136 -17.58 -0.15 -11.91
N PRO C 137 -18.67 0.56 -12.22
CA PRO C 137 -19.79 -0.08 -12.93
C PRO C 137 -19.44 -0.36 -14.37
N SER C 138 -20.04 -1.43 -14.91
CA SER C 138 -19.86 -1.82 -16.30
C SER C 138 -21.01 -2.75 -16.67
N SER C 139 -20.94 -3.28 -17.90
CA SER C 139 -21.98 -4.18 -18.37
C SER C 139 -22.12 -5.42 -17.51
N LYS C 140 -21.08 -5.78 -16.75
CA LYS C 140 -21.18 -6.90 -15.83
C LYS C 140 -22.00 -6.56 -14.59
N SER C 141 -22.14 -5.28 -14.25
CA SER C 141 -22.83 -4.87 -13.03
C SER C 141 -24.12 -4.12 -13.32
N THR C 142 -24.55 -4.05 -14.58
CA THR C 142 -25.77 -3.33 -14.95
C THR C 142 -26.76 -4.33 -15.54
N SER C 143 -27.99 -4.28 -15.04
CA SER C 143 -29.05 -5.15 -15.52
C SER C 143 -30.39 -4.45 -15.29
N GLY C 144 -31.24 -4.44 -16.31
CA GLY C 144 -32.56 -3.84 -16.18
C GLY C 144 -32.56 -2.37 -15.85
N GLY C 145 -31.65 -1.60 -16.48
CA GLY C 145 -31.62 -0.16 -16.25
C GLY C 145 -31.09 0.27 -14.90
N THR C 146 -30.52 -0.64 -14.13
CA THR C 146 -29.94 -0.32 -12.83
C THR C 146 -28.48 -0.75 -12.81
N ALA C 147 -27.63 0.11 -12.24
CA ALA C 147 -26.19 -0.11 -12.24
C ALA C 147 -25.68 -0.26 -10.80
N ALA C 148 -24.75 -1.19 -10.62
CA ALA C 148 -24.14 -1.45 -9.32
C ALA C 148 -22.69 -0.97 -9.35
N LEU C 149 -22.30 -0.22 -8.32
CA LEU C 149 -20.94 0.26 -8.17
C LEU C 149 -20.62 0.36 -6.69
N GLY C 150 -19.33 0.36 -6.38
CA GLY C 150 -18.95 0.36 -4.97
C GLY C 150 -17.52 0.76 -4.74
N CYS C 151 -17.08 0.52 -3.50
CA CYS C 151 -15.71 0.80 -3.08
C CYS C 151 -15.19 -0.40 -2.30
N LEU C 152 -13.97 -0.83 -2.63
CA LEU C 152 -13.30 -1.91 -1.92
C LEU C 152 -12.38 -1.28 -0.87
N VAL C 153 -12.71 -1.48 0.40
CA VAL C 153 -11.93 -0.97 1.52
C VAL C 153 -11.09 -2.12 2.05
N LYS C 154 -9.77 -2.01 1.88
CA LYS C 154 -8.89 -3.17 2.03
C LYS C 154 -7.76 -2.89 3.02
N ASP C 155 -7.46 -3.90 3.85
CA ASP C 155 -6.27 -3.95 4.69
C ASP C 155 -6.21 -2.75 5.65
N TYR C 156 -7.13 -2.75 6.61
CA TYR C 156 -7.12 -1.78 7.68
C TYR C 156 -7.16 -2.50 9.02
N PHE C 157 -6.74 -1.77 10.07
CA PHE C 157 -6.74 -2.33 11.41
C PHE C 157 -6.72 -1.20 12.42
N PRO C 158 -7.53 -1.26 13.48
CA PRO C 158 -8.54 -2.31 13.64
C PRO C 158 -9.91 -1.85 13.16
N GLU C 159 -10.95 -2.58 13.55
CA GLU C 159 -12.31 -2.16 13.26
C GLU C 159 -12.68 -0.98 14.15
N PRO C 160 -13.72 -0.20 13.78
CA PRO C 160 -14.59 -0.33 12.60
C PRO C 160 -14.25 0.64 11.47
N VAL C 161 -14.91 0.45 10.34
CA VAL C 161 -14.87 1.38 9.22
C VAL C 161 -16.31 1.71 8.84
N THR C 162 -16.62 3.00 8.76
CA THR C 162 -17.93 3.46 8.32
C THR C 162 -17.82 4.01 6.90
N VAL C 163 -18.82 3.71 6.08
CA VAL C 163 -18.84 4.16 4.69
C VAL C 163 -20.15 4.88 4.43
N SER C 164 -20.07 6.10 3.90
CA SER C 164 -21.22 6.80 3.37
C SER C 164 -20.97 7.11 1.89
N TRP C 165 -22.04 7.47 1.19
CA TRP C 165 -21.96 7.79 -0.23
C TRP C 165 -22.47 9.21 -0.45
N ASN C 166 -21.67 10.01 -1.16
CA ASN C 166 -21.97 11.42 -1.43
C ASN C 166 -22.23 12.19 -0.13
N SER C 167 -21.43 11.88 0.89
CA SER C 167 -21.51 12.55 2.19
C SER C 167 -22.89 12.36 2.83
N GLY C 168 -23.43 11.15 2.69
CA GLY C 168 -24.72 10.83 3.27
C GLY C 168 -25.92 11.23 2.46
N ALA C 169 -25.72 11.93 1.34
CA ALA C 169 -26.85 12.34 0.51
C ALA C 169 -27.47 11.18 -0.27
N LEU C 170 -26.81 10.02 -0.29
CA LEU C 170 -27.28 8.85 -1.02
C LEU C 170 -27.34 7.67 -0.05
N THR C 171 -28.55 7.27 0.32
CA THR C 171 -28.74 6.16 1.24
C THR C 171 -29.52 5.00 0.66
N SER C 172 -30.48 5.23 -0.22
CA SER C 172 -31.21 4.15 -0.85
C SER C 172 -30.31 3.40 -1.82
N GLY C 173 -30.41 2.07 -1.80
CA GLY C 173 -29.56 1.24 -2.62
C GLY C 173 -28.18 1.00 -2.08
N VAL C 174 -27.83 1.59 -0.94
CA VAL C 174 -26.52 1.44 -0.34
C VAL C 174 -26.52 0.23 0.59
N HIS C 175 -25.48 -0.60 0.46
CA HIS C 175 -25.25 -1.68 1.40
C HIS C 175 -23.76 -1.79 1.66
N THR C 176 -23.38 -1.74 2.94
CA THR C 176 -22.00 -1.93 3.36
C THR C 176 -21.90 -3.27 4.07
N PHE C 177 -21.05 -4.15 3.56
CA PHE C 177 -20.93 -5.51 4.05
C PHE C 177 -20.13 -5.57 5.34
N PRO C 178 -20.29 -6.64 6.12
CA PRO C 178 -19.42 -6.83 7.28
C PRO C 178 -17.98 -7.04 6.85
N ALA C 179 -17.06 -6.69 7.74
CA ALA C 179 -15.65 -6.85 7.45
C ALA C 179 -15.27 -8.33 7.47
N VAL C 180 -14.20 -8.65 6.75
CA VAL C 180 -13.63 -9.99 6.74
C VAL C 180 -12.21 -9.91 7.28
N LEU C 181 -11.84 -10.90 8.08
CA LEU C 181 -10.51 -10.97 8.69
C LEU C 181 -9.63 -11.86 7.83
N GLN C 182 -8.75 -11.24 7.05
CA GLN C 182 -7.86 -11.99 6.19
C GLN C 182 -6.80 -12.72 7.03
N SER C 183 -6.07 -13.62 6.37
CA SER C 183 -4.99 -14.34 7.03
C SER C 183 -3.87 -13.42 7.46
N SER C 184 -3.77 -12.22 6.85
CA SER C 184 -2.77 -11.25 7.24
C SER C 184 -3.11 -10.57 8.57
N GLY C 185 -4.31 -10.78 9.10
CA GLY C 185 -4.76 -10.11 10.29
C GLY C 185 -5.46 -8.78 10.04
N LEU C 186 -5.36 -8.24 8.83
CA LEU C 186 -6.01 -6.99 8.48
C LEU C 186 -7.43 -7.25 7.97
N TYR C 187 -8.29 -6.26 8.12
CA TYR C 187 -9.69 -6.36 7.72
C TYR C 187 -9.91 -5.80 6.32
N SER C 188 -11.05 -6.18 5.74
CA SER C 188 -11.46 -5.68 4.43
C SER C 188 -12.96 -5.79 4.33
N LEU C 189 -13.59 -4.76 3.76
CA LEU C 189 -15.02 -4.79 3.50
C LEU C 189 -15.28 -4.15 2.15
N SER C 190 -16.54 -4.23 1.72
CA SER C 190 -17.02 -3.57 0.52
C SER C 190 -18.31 -2.84 0.82
N SER C 191 -18.54 -1.75 0.10
CA SER C 191 -19.79 -1.01 0.17
C SER C 191 -20.26 -0.78 -1.25
N VAL C 192 -21.48 -1.20 -1.54
CA VAL C 192 -22.02 -1.12 -2.89
C VAL C 192 -23.26 -0.25 -2.87
N VAL C 193 -23.50 0.45 -3.97
CA VAL C 193 -24.72 1.22 -4.17
C VAL C 193 -25.25 0.89 -5.56
N THR C 194 -26.57 0.75 -5.67
CA THR C 194 -27.23 0.45 -6.93
C THR C 194 -27.96 1.70 -7.40
N VAL C 195 -27.59 2.20 -8.58
CA VAL C 195 -28.08 3.47 -9.10
C VAL C 195 -28.65 3.27 -10.49
N PRO C 196 -29.42 4.23 -11.03
CA PRO C 196 -29.85 4.13 -12.42
C PRO C 196 -28.66 4.23 -13.37
N SER C 197 -28.62 3.34 -14.35
CA SER C 197 -27.51 3.32 -15.30
C SER C 197 -27.49 4.55 -16.22
N SER C 198 -28.62 5.22 -16.40
CA SER C 198 -28.63 6.47 -17.16
C SER C 198 -27.95 7.60 -16.41
N SER C 199 -27.86 7.51 -15.08
CA SER C 199 -27.21 8.54 -14.29
C SER C 199 -25.69 8.42 -14.29
N LEU C 200 -25.15 7.30 -14.77
CA LEU C 200 -23.70 7.11 -14.72
C LEU C 200 -22.97 8.15 -15.55
N GLY C 201 -23.63 8.71 -16.57
CA GLY C 201 -22.99 9.72 -17.39
C GLY C 201 -22.88 11.07 -16.72
N THR C 202 -23.86 11.43 -15.88
CA THR C 202 -23.94 12.76 -15.28
C THR C 202 -23.68 12.76 -13.78
N GLN C 203 -24.39 11.93 -13.02
CA GLN C 203 -24.31 11.99 -11.57
C GLN C 203 -22.94 11.54 -11.07
N THR C 204 -22.44 12.23 -10.06
CA THR C 204 -21.16 11.92 -9.44
C THR C 204 -21.41 11.06 -8.21
N TYR C 205 -20.62 9.99 -8.06
CA TYR C 205 -20.73 9.07 -6.94
C TYR C 205 -19.41 8.99 -6.22
N ILE C 206 -19.41 9.29 -4.92
CA ILE C 206 -18.21 9.32 -4.10
C ILE C 206 -18.50 8.55 -2.81
N CYS C 207 -17.66 7.55 -2.52
CA CYS C 207 -17.75 6.82 -1.27
C CYS C 207 -16.85 7.49 -0.24
N ASN C 208 -17.39 7.70 0.96
CA ASN C 208 -16.67 8.35 2.05
C ASN C 208 -16.31 7.28 3.06
N VAL C 209 -15.03 6.93 3.13
CA VAL C 209 -14.54 5.90 4.03
C VAL C 209 -13.87 6.60 5.21
N ASN C 210 -14.33 6.30 6.42
CA ASN C 210 -13.80 6.91 7.63
C ASN C 210 -13.30 5.82 8.56
N HIS C 211 -12.03 5.89 8.94
CA HIS C 211 -11.41 4.95 9.87
C HIS C 211 -10.81 5.76 11.02
N LYS C 212 -11.63 6.01 12.05
CA LYS C 212 -11.17 6.81 13.18
C LYS C 212 -9.98 6.22 13.95
N PRO C 213 -9.84 4.89 14.11
CA PRO C 213 -8.63 4.38 14.78
C PRO C 213 -7.32 4.88 14.19
N SER C 214 -7.26 5.07 12.88
CA SER C 214 -6.06 5.57 12.22
C SER C 214 -6.15 7.05 11.88
N ASN C 215 -7.24 7.72 12.28
CA ASN C 215 -7.46 9.12 11.95
C ASN C 215 -7.39 9.35 10.44
N THR C 216 -8.14 8.52 9.71
CA THR C 216 -8.09 8.52 8.25
C THR C 216 -9.51 8.64 7.71
N LYS C 217 -9.69 9.54 6.74
CA LYS C 217 -10.91 9.62 5.95
C LYS C 217 -10.51 9.69 4.48
N VAL C 218 -11.06 8.78 3.67
CA VAL C 218 -10.72 8.69 2.26
C VAL C 218 -11.99 8.90 1.46
N ASP C 219 -11.95 9.85 0.52
CA ASP C 219 -13.01 10.06 -0.45
C ASP C 219 -12.57 9.51 -1.80
N LYS C 220 -13.39 8.64 -2.39
CA LYS C 220 -13.06 7.99 -3.65
C LYS C 220 -14.22 8.17 -4.61
N LYS C 221 -13.98 8.83 -5.73
CA LYS C 221 -14.98 8.95 -6.78
C LYS C 221 -14.96 7.71 -7.65
N VAL C 222 -16.12 7.11 -7.86
CA VAL C 222 -16.26 5.88 -8.65
C VAL C 222 -16.99 6.22 -9.93
N GLU C 223 -16.36 5.91 -11.06
CA GLU C 223 -16.93 6.14 -12.38
C GLU C 223 -16.62 4.94 -13.25
N PRO C 224 -17.39 4.71 -14.31
CA PRO C 224 -17.09 3.57 -15.20
C PRO C 224 -15.72 3.71 -15.83
N LYS C 225 -15.01 2.59 -15.94
CA LYS C 225 -13.67 2.60 -16.49
C LYS C 225 -13.71 2.72 -18.01
N SER C 226 -12.77 3.50 -18.56
CA SER C 226 -12.70 3.68 -20.01
C SER C 226 -12.42 2.35 -20.70
N CYS C 227 -11.55 1.53 -20.12
CA CYS C 227 -11.37 0.15 -20.57
C CYS C 227 -10.90 0.07 -22.02
N ALA D 3 -15.82 -37.28 7.72
CA ALA D 3 -16.41 -35.96 7.80
C ALA D 3 -17.93 -36.03 7.70
N LEU D 4 -18.61 -35.10 8.37
CA LEU D 4 -20.07 -35.07 8.43
C LEU D 4 -20.58 -33.96 7.52
N THR D 5 -21.45 -34.32 6.59
CA THR D 5 -21.99 -33.38 5.60
C THR D 5 -23.44 -33.06 5.94
N GLN D 6 -23.76 -31.77 5.93
CA GLN D 6 -25.10 -31.27 6.19
C GLN D 6 -25.55 -30.36 5.05
N PRO D 7 -26.83 -30.36 4.74
CA PRO D 7 -27.35 -29.40 3.75
C PRO D 7 -27.15 -27.98 4.24
N PRO D 8 -26.76 -27.06 3.36
CA PRO D 8 -26.51 -25.69 3.82
C PRO D 8 -27.76 -24.98 4.32
N SER D 9 -28.94 -25.29 3.80
CA SER D 9 -30.14 -24.56 4.15
C SER D 9 -31.33 -25.49 4.33
N ALA D 10 -32.21 -25.10 5.25
CA ALA D 10 -33.52 -25.73 5.43
C ALA D 10 -34.45 -24.67 6.02
N SER D 11 -35.72 -24.74 5.65
CA SER D 11 -36.63 -23.67 6.02
C SER D 11 -38.04 -24.21 6.22
N GLY D 12 -38.81 -23.47 7.01
CA GLY D 12 -40.23 -23.76 7.15
C GLY D 12 -40.95 -22.55 7.70
N SER D 13 -42.23 -22.44 7.38
CA SER D 13 -43.05 -21.38 7.91
C SER D 13 -43.39 -21.67 9.38
N PRO D 14 -43.68 -20.64 10.18
CA PRO D 14 -44.01 -20.88 11.58
C PRO D 14 -45.20 -21.84 11.71
N GLY D 15 -45.04 -22.84 12.58
CA GLY D 15 -45.98 -23.91 12.72
C GLY D 15 -45.71 -25.12 11.85
N GLN D 16 -44.86 -24.99 10.84
CA GLN D 16 -44.52 -26.11 9.99
C GLN D 16 -43.40 -26.95 10.61
N SER D 17 -43.12 -28.07 9.95
CA SER D 17 -42.08 -29.00 10.38
C SER D 17 -40.96 -29.03 9.36
N VAL D 18 -39.74 -29.31 9.84
CA VAL D 18 -38.57 -29.36 8.98
C VAL D 18 -37.62 -30.44 9.52
N THR D 19 -36.92 -31.09 8.60
CA THR D 19 -35.95 -32.13 8.96
C THR D 19 -34.63 -31.84 8.28
N ILE D 20 -33.55 -31.91 9.04
CA ILE D 20 -32.20 -31.71 8.50
C ILE D 20 -31.42 -33.01 8.70
N SER D 21 -30.50 -33.28 7.78
CA SER D 21 -29.80 -34.56 7.74
C SER D 21 -28.32 -34.38 8.04
N CYS D 22 -27.73 -35.41 8.65
CA CYS D 22 -26.30 -35.50 8.90
C CYS D 22 -25.82 -36.84 8.38
N THR D 23 -24.95 -36.82 7.37
CA THR D 23 -24.43 -38.06 6.78
C THR D 23 -22.92 -38.11 6.92
N GLY D 24 -22.42 -39.24 7.41
CA GLY D 24 -20.99 -39.45 7.60
C GLY D 24 -20.55 -40.77 7.00
N THR D 25 -19.38 -41.26 7.41
CA THR D 25 -18.85 -42.54 6.95
C THR D 25 -19.15 -43.63 7.97
N ARG D 26 -18.69 -44.85 7.68
CA ARG D 26 -18.81 -45.94 8.63
C ARG D 26 -17.92 -45.73 9.85
N SER D 27 -16.91 -44.86 9.74
CA SER D 27 -16.06 -44.57 10.89
C SER D 27 -16.82 -43.83 11.97
N ASP D 28 -17.75 -42.97 11.58
CA ASP D 28 -18.41 -42.08 12.53
C ASP D 28 -19.88 -42.43 12.73
N ILE D 29 -20.72 -42.03 11.78
CA ILE D 29 -22.17 -42.10 12.01
C ILE D 29 -22.68 -43.54 11.86
N ASP D 30 -22.13 -44.30 10.91
CA ASP D 30 -22.72 -45.60 10.60
C ASP D 30 -22.33 -46.65 11.64
N GLY D 31 -21.06 -46.69 12.03
CA GLY D 31 -20.61 -47.72 12.95
C GLY D 31 -21.06 -47.51 14.37
N TYR D 32 -21.23 -46.26 14.79
CA TYR D 32 -21.52 -45.94 16.17
C TYR D 32 -22.86 -45.22 16.29
N ASN D 33 -23.33 -45.09 17.52
CA ASN D 33 -24.58 -44.41 17.85
C ASN D 33 -24.35 -43.21 18.74
N TYR D 34 -23.31 -42.43 18.44
CA TYR D 34 -23.03 -41.26 19.27
C TYR D 34 -23.16 -39.97 18.46
N VAL D 35 -24.36 -39.66 17.99
CA VAL D 35 -24.61 -38.46 17.20
C VAL D 35 -25.25 -37.41 18.10
N SER D 36 -24.67 -36.22 18.13
CA SER D 36 -25.21 -35.07 18.84
C SER D 36 -25.63 -33.98 17.87
N TRP D 37 -26.59 -33.17 18.29
CA TRP D 37 -27.04 -32.01 17.54
C TRP D 37 -26.89 -30.77 18.42
N TYR D 38 -26.48 -29.67 17.80
CA TYR D 38 -26.27 -28.42 18.51
C TYR D 38 -26.96 -27.28 17.77
N GLN D 39 -27.42 -26.31 18.54
CA GLN D 39 -28.03 -25.10 18.01
C GLN D 39 -27.14 -23.91 18.37
N GLN D 40 -26.97 -23.00 17.42
CA GLN D 40 -26.12 -21.83 17.63
C GLN D 40 -26.79 -20.61 17.03
N HIS D 41 -27.20 -19.67 17.88
CA HIS D 41 -27.66 -18.36 17.44
C HIS D 41 -26.46 -17.45 17.24
N PRO D 42 -26.60 -16.41 16.41
CA PRO D 42 -25.44 -15.54 16.13
C PRO D 42 -24.90 -14.88 17.39
N GLY D 43 -23.57 -14.88 17.51
CA GLY D 43 -22.91 -14.29 18.66
C GLY D 43 -23.02 -15.09 19.95
N LYS D 44 -23.52 -16.33 19.87
CA LYS D 44 -23.76 -17.14 21.05
C LYS D 44 -23.00 -18.46 20.94
N ALA D 45 -22.81 -19.08 22.09
CA ALA D 45 -22.19 -20.40 22.14
C ALA D 45 -23.16 -21.47 21.64
N PRO D 46 -22.64 -22.62 21.22
CA PRO D 46 -23.53 -23.72 20.85
C PRO D 46 -24.34 -24.19 22.05
N LYS D 47 -25.50 -24.79 21.76
CA LYS D 47 -26.40 -25.30 22.78
C LYS D 47 -26.78 -26.73 22.43
N LEU D 48 -26.59 -27.65 23.36
CA LEU D 48 -26.91 -29.06 23.12
C LEU D 48 -28.41 -29.23 22.97
N ILE D 49 -28.82 -29.75 21.81
CA ILE D 49 -30.23 -29.98 21.52
C ILE D 49 -30.62 -31.43 21.71
N ILE D 50 -29.80 -32.35 21.23
CA ILE D 50 -30.10 -33.78 21.28
C ILE D 50 -28.80 -34.55 21.37
N SER D 51 -28.80 -35.59 22.19
CA SER D 51 -27.66 -36.48 22.34
C SER D 51 -28.12 -37.92 22.16
N GLU D 52 -27.15 -38.78 21.91
CA GLU D 52 -27.37 -40.21 21.77
C GLU D 52 -28.44 -40.45 20.77
N VAL D 53 -28.33 -39.74 19.65
CA VAL D 53 -29.24 -39.91 18.56
C VAL D 53 -30.64 -39.33 18.82
N ASN D 54 -31.29 -39.77 19.87
CA ASN D 54 -32.68 -39.39 20.12
C ASN D 54 -33.05 -38.75 21.45
N LYS D 55 -32.10 -38.49 22.33
CA LYS D 55 -32.44 -38.04 23.67
C LYS D 55 -32.18 -36.57 23.96
N ARG D 56 -33.08 -35.94 24.69
CA ARG D 56 -33.01 -34.49 24.85
C ARG D 56 -32.55 -34.12 26.25
N PRO D 57 -31.73 -33.09 26.39
CA PRO D 57 -31.43 -32.54 27.72
C PRO D 57 -32.64 -31.87 28.33
N SER D 58 -32.54 -31.57 29.62
CA SER D 58 -33.58 -30.83 30.31
C SER D 58 -33.64 -29.39 29.78
N GLY D 59 -34.85 -28.89 29.56
CA GLY D 59 -35.06 -27.56 29.06
C GLY D 59 -35.27 -27.49 27.56
N VAL D 60 -34.75 -28.46 26.82
CA VAL D 60 -34.94 -28.47 25.36
C VAL D 60 -36.38 -28.85 25.05
N PRO D 61 -37.10 -28.07 24.25
CA PRO D 61 -38.53 -28.35 24.02
C PRO D 61 -38.75 -29.67 23.32
N ALA D 62 -39.96 -30.21 23.49
CA ALA D 62 -40.34 -31.45 22.82
C ALA D 62 -40.47 -31.29 21.31
N ARG D 63 -40.37 -30.06 20.78
CA ARG D 63 -40.41 -29.87 19.33
C ARG D 63 -39.27 -30.60 18.64
N PHE D 64 -38.12 -30.72 19.31
CA PHE D 64 -36.93 -31.28 18.70
C PHE D 64 -36.87 -32.79 18.94
N SER D 65 -36.65 -33.54 17.86
CA SER D 65 -36.48 -34.99 17.94
C SER D 65 -35.43 -35.40 16.93
N GLY D 66 -34.81 -36.55 17.19
CA GLY D 66 -33.73 -37.03 16.37
C GLY D 66 -33.92 -38.49 16.00
N SER D 67 -33.31 -38.88 14.88
CA SER D 67 -33.40 -40.25 14.40
C SER D 67 -32.11 -40.60 13.67
N LYS D 68 -31.99 -41.88 13.34
CA LYS D 68 -30.84 -42.39 12.61
C LYS D 68 -31.24 -43.61 11.80
N SER D 69 -30.84 -43.65 10.54
CA SER D 69 -31.08 -44.80 9.66
C SER D 69 -29.77 -45.09 8.94
N GLY D 70 -28.96 -46.00 9.50
CA GLY D 70 -27.73 -46.40 8.86
C GLY D 70 -26.74 -45.27 8.67
N ASN D 71 -26.70 -44.75 7.43
CA ASN D 71 -25.75 -43.72 7.03
C ASN D 71 -26.23 -42.31 7.35
N ARG D 72 -27.49 -42.13 7.73
CA ARG D 72 -28.11 -40.82 7.81
C ARG D 72 -28.66 -40.58 9.21
N ALA D 73 -28.25 -39.48 9.83
CA ALA D 73 -28.85 -38.98 11.06
C ALA D 73 -29.70 -37.77 10.73
N SER D 74 -30.77 -37.58 11.50
CA SER D 74 -31.74 -36.55 11.21
C SER D 74 -32.13 -35.82 12.49
N LEU D 75 -32.42 -34.52 12.34
CA LEU D 75 -32.97 -33.71 13.40
C LEU D 75 -34.26 -33.08 12.87
N THR D 76 -35.36 -33.26 13.60
CA THR D 76 -36.66 -32.78 13.16
C THR D 76 -37.20 -31.78 14.18
N VAL D 77 -37.72 -30.67 13.70
CA VAL D 77 -38.37 -29.69 14.53
C VAL D 77 -39.82 -29.66 14.16
N SER D 78 -40.67 -29.99 15.11
CA SER D 78 -42.09 -30.12 14.84
C SER D 78 -43.10 -29.01 14.58
N GLY D 79 -43.06 -27.93 15.30
CA GLY D 79 -43.79 -26.74 14.89
C GLY D 79 -42.89 -25.59 15.16
N LEU D 80 -42.37 -24.97 14.12
CA LEU D 80 -41.31 -24.00 14.25
C LEU D 80 -41.74 -22.72 14.88
N GLN D 81 -40.88 -22.20 15.72
CA GLN D 81 -41.06 -20.91 16.31
C GLN D 81 -39.89 -20.13 15.81
N THR D 82 -40.07 -18.85 15.60
CA THR D 82 -39.03 -17.99 15.06
C THR D 82 -37.72 -18.08 15.85
N GLU D 83 -37.81 -18.40 17.14
CA GLU D 83 -36.60 -18.59 17.93
C GLU D 83 -35.78 -19.81 17.48
N ASP D 84 -36.35 -20.69 16.66
CA ASP D 84 -35.62 -21.84 16.16
C ASP D 84 -34.67 -21.49 15.02
N GLU D 85 -34.77 -20.29 14.45
CA GLU D 85 -33.88 -19.87 13.38
C GLU D 85 -32.47 -19.74 13.95
N ALA D 86 -31.57 -20.60 13.50
CA ALA D 86 -30.19 -20.66 13.97
C ALA D 86 -29.43 -21.64 13.10
N ASP D 87 -28.12 -21.70 13.32
CA ASP D 87 -27.30 -22.74 12.71
C ASP D 87 -27.37 -24.01 13.56
N TYR D 88 -27.40 -25.15 12.90
CA TYR D 88 -27.46 -26.46 13.57
C TYR D 88 -26.31 -27.32 13.10
N TYR D 89 -25.54 -27.84 14.07
CA TYR D 89 -24.39 -28.69 13.80
C TYR D 89 -24.64 -30.08 14.37
N CYS D 90 -24.20 -31.10 13.64
CA CYS D 90 -24.14 -32.45 14.16
C CYS D 90 -22.69 -32.81 14.51
N SER D 91 -22.53 -33.69 15.49
CA SER D 91 -21.22 -34.14 15.91
C SER D 91 -21.28 -35.64 16.19
N SER D 92 -20.11 -36.27 16.18
CA SER D 92 -20.04 -37.71 16.41
C SER D 92 -18.60 -38.09 16.74
N TYR D 93 -18.45 -39.30 17.31
CA TYR D 93 -17.15 -39.92 17.41
C TYR D 93 -16.66 -40.38 16.03
N THR D 94 -15.34 -40.58 15.95
CA THR D 94 -14.71 -41.21 14.80
C THR D 94 -13.62 -42.13 15.34
N ASP D 95 -13.40 -43.26 14.66
CA ASP D 95 -12.27 -44.09 15.03
C ASP D 95 -10.94 -43.43 14.67
N THR D 96 -10.96 -42.49 13.73
CA THR D 96 -9.74 -41.76 13.39
C THR D 96 -9.42 -40.79 14.52
N ASN D 97 -8.16 -40.75 14.93
CA ASN D 97 -7.81 -40.18 16.23
C ASN D 97 -7.92 -38.66 16.30
N ASN D 98 -8.87 -38.09 15.55
CA ASN D 98 -9.42 -36.77 15.84
C ASN D 98 -10.82 -36.98 16.42
N PHE D 99 -10.86 -37.48 17.66
CA PHE D 99 -11.99 -38.22 18.19
C PHE D 99 -13.33 -37.50 18.20
N TYR D 100 -13.43 -36.33 17.58
CA TYR D 100 -14.71 -35.72 17.28
C TYR D 100 -14.66 -35.07 15.90
N VAL D 101 -15.80 -35.10 15.22
CA VAL D 101 -15.99 -34.39 13.96
C VAL D 101 -17.32 -33.66 14.02
N PHE D 102 -17.35 -32.43 13.51
CA PHE D 102 -18.57 -31.66 13.42
C PHE D 102 -19.05 -31.60 11.98
N GLY D 103 -20.36 -31.50 11.81
CA GLY D 103 -20.93 -31.33 10.50
C GLY D 103 -20.66 -29.94 9.94
N THR D 104 -20.88 -29.78 8.64
CA THR D 104 -20.63 -28.50 7.99
C THR D 104 -21.58 -27.42 8.46
N GLY D 105 -22.76 -27.78 8.98
CA GLY D 105 -23.68 -26.79 9.50
C GLY D 105 -24.86 -26.53 8.58
N THR D 106 -26.04 -26.37 9.18
CA THR D 106 -27.27 -26.06 8.46
C THR D 106 -27.93 -24.87 9.11
N LYS D 107 -28.19 -23.82 8.32
CA LYS D 107 -28.98 -22.70 8.81
C LYS D 107 -30.45 -22.99 8.57
N VAL D 108 -31.22 -23.07 9.64
CA VAL D 108 -32.66 -23.25 9.56
C VAL D 108 -33.32 -21.87 9.59
N THR D 109 -34.06 -21.56 8.54
CA THR D 109 -34.76 -20.28 8.44
C THR D 109 -36.24 -20.50 8.72
N VAL D 110 -36.79 -19.73 9.64
CA VAL D 110 -38.24 -19.69 9.85
C VAL D 110 -38.79 -18.60 8.94
N LEU D 111 -39.53 -19.00 7.91
CA LEU D 111 -39.88 -18.09 6.82
C LEU D 111 -40.82 -16.99 7.29
N GLY D 112 -40.46 -15.75 6.97
CA GLY D 112 -41.27 -14.60 7.29
C GLY D 112 -41.49 -13.68 6.11
N GLN D 113 -40.99 -14.07 4.94
CA GLN D 113 -41.15 -13.30 3.71
C GLN D 113 -41.01 -14.26 2.53
N PRO D 114 -41.43 -13.84 1.33
CA PRO D 114 -41.29 -14.72 0.16
C PRO D 114 -39.83 -15.00 -0.16
N LYS D 115 -39.57 -16.16 -0.74
CA LYS D 115 -38.24 -16.50 -1.21
C LYS D 115 -37.82 -15.58 -2.34
N ALA D 116 -36.54 -15.22 -2.36
CA ALA D 116 -36.00 -14.32 -3.39
C ALA D 116 -34.72 -14.93 -3.97
N ASN D 117 -34.65 -14.98 -5.30
CA ASN D 117 -33.44 -15.47 -5.96
C ASN D 117 -32.34 -14.41 -5.89
N PRO D 118 -31.09 -14.81 -5.74
CA PRO D 118 -30.01 -13.83 -5.55
C PRO D 118 -29.61 -13.14 -6.84
N THR D 119 -29.06 -11.94 -6.66
CA THR D 119 -28.38 -11.21 -7.72
C THR D 119 -26.88 -11.27 -7.46
N VAL D 120 -26.11 -11.60 -8.48
CA VAL D 120 -24.67 -11.80 -8.35
C VAL D 120 -23.95 -10.79 -9.22
N THR D 121 -23.05 -10.02 -8.62
CA THR D 121 -22.24 -9.04 -9.32
C THR D 121 -20.76 -9.34 -9.06
N LEU D 122 -20.01 -9.63 -10.12
CA LEU D 122 -18.60 -9.98 -10.00
C LEU D 122 -17.75 -8.83 -10.52
N PHE D 123 -16.91 -8.28 -9.65
CA PHE D 123 -16.01 -7.19 -10.01
C PHE D 123 -14.60 -7.72 -10.20
N PRO D 124 -13.95 -7.41 -11.32
CA PRO D 124 -12.54 -7.77 -11.49
C PRO D 124 -11.66 -6.88 -10.63
N PRO D 125 -10.37 -7.19 -10.51
CA PRO D 125 -9.46 -6.25 -9.83
C PRO D 125 -9.39 -4.94 -10.59
N SER D 126 -9.42 -3.84 -9.83
CA SER D 126 -9.26 -2.53 -10.44
C SER D 126 -7.81 -2.32 -10.87
N SER D 127 -7.63 -1.50 -11.89
CA SER D 127 -6.27 -1.19 -12.34
C SER D 127 -5.48 -0.44 -11.27
N GLU D 128 -6.16 0.32 -10.42
CA GLU D 128 -5.48 1.00 -9.34
C GLU D 128 -4.93 0.02 -8.32
N GLU D 129 -5.71 -1.01 -7.95
CA GLU D 129 -5.21 -2.01 -7.03
C GLU D 129 -4.07 -2.81 -7.64
N LEU D 130 -4.15 -3.10 -8.95
CA LEU D 130 -3.05 -3.77 -9.62
C LEU D 130 -1.78 -2.93 -9.56
N GLN D 131 -1.92 -1.60 -9.60
CA GLN D 131 -0.79 -0.71 -9.41
C GLN D 131 -0.20 -0.81 -8.01
N ALA D 132 -0.98 -1.27 -7.03
CA ALA D 132 -0.50 -1.54 -5.69
C ALA D 132 -0.03 -2.98 -5.52
N ASN D 133 0.18 -3.69 -6.62
CA ASN D 133 0.71 -5.06 -6.62
C ASN D 133 -0.20 -6.01 -5.86
N LYS D 134 -1.51 -5.78 -5.92
CA LYS D 134 -2.49 -6.69 -5.37
C LYS D 134 -3.63 -6.86 -6.37
N ALA D 135 -4.39 -7.93 -6.20
CA ALA D 135 -5.51 -8.24 -7.09
C ALA D 135 -6.59 -8.94 -6.29
N THR D 136 -7.75 -8.30 -6.17
CA THR D 136 -8.86 -8.86 -5.39
C THR D 136 -10.09 -8.95 -6.29
N LEU D 137 -10.65 -10.15 -6.38
CA LEU D 137 -11.94 -10.37 -7.04
C LEU D 137 -13.04 -10.21 -6.01
N VAL D 138 -14.07 -9.43 -6.36
CA VAL D 138 -15.16 -9.09 -5.45
C VAL D 138 -16.45 -9.65 -6.03
N CYS D 139 -17.03 -10.61 -5.32
CA CYS D 139 -18.31 -11.21 -5.70
C CYS D 139 -19.37 -10.81 -4.69
N LEU D 140 -20.37 -10.05 -5.14
CA LEU D 140 -21.41 -9.52 -4.28
C LEU D 140 -22.74 -10.22 -4.60
N ILE D 141 -23.35 -10.79 -3.56
CA ILE D 141 -24.60 -11.52 -3.69
C ILE D 141 -25.66 -10.75 -2.91
N SER D 142 -26.78 -10.45 -3.57
CA SER D 142 -27.74 -9.52 -2.99
C SER D 142 -29.17 -9.97 -3.27
N ASP D 143 -30.08 -9.45 -2.45
CA ASP D 143 -31.53 -9.56 -2.67
C ASP D 143 -32.02 -11.01 -2.69
N PHE D 144 -31.52 -11.83 -1.77
CA PHE D 144 -31.94 -13.22 -1.71
C PHE D 144 -32.54 -13.54 -0.34
N TYR D 145 -33.37 -14.58 -0.32
CA TYR D 145 -34.01 -15.07 0.90
C TYR D 145 -34.42 -16.50 0.66
N PRO D 146 -34.23 -17.41 1.63
CA PRO D 146 -33.60 -17.19 2.94
C PRO D 146 -32.10 -16.88 2.86
N GLY D 147 -31.54 -16.40 3.97
CA GLY D 147 -30.15 -15.95 4.00
C GLY D 147 -29.11 -17.04 4.15
N ALA D 148 -29.01 -17.92 3.15
CA ALA D 148 -27.99 -18.96 3.13
C ALA D 148 -27.55 -19.18 1.69
N VAL D 149 -26.25 -19.04 1.44
CA VAL D 149 -25.67 -19.30 0.13
C VAL D 149 -24.35 -20.02 0.31
N THR D 150 -23.88 -20.65 -0.76
CA THR D 150 -22.55 -21.21 -0.85
C THR D 150 -21.88 -20.64 -2.08
N VAL D 151 -20.60 -20.29 -1.97
CA VAL D 151 -19.84 -19.61 -3.02
C VAL D 151 -18.66 -20.47 -3.40
N ALA D 152 -18.52 -20.75 -4.70
CA ALA D 152 -17.39 -21.47 -5.24
C ALA D 152 -16.70 -20.62 -6.31
N TRP D 153 -15.38 -20.66 -6.32
CA TRP D 153 -14.57 -19.90 -7.25
C TRP D 153 -13.86 -20.82 -8.22
N LYS D 154 -13.71 -20.36 -9.46
CA LYS D 154 -13.03 -21.12 -10.50
C LYS D 154 -11.95 -20.25 -11.13
N ALA D 155 -10.80 -20.85 -11.37
CA ALA D 155 -9.78 -20.28 -12.25
C ALA D 155 -9.85 -21.08 -13.54
N ASP D 156 -10.32 -20.44 -14.62
CA ASP D 156 -10.74 -21.13 -15.82
C ASP D 156 -11.84 -22.13 -15.45
N SER D 157 -11.55 -23.43 -15.56
CA SER D 157 -12.48 -24.46 -15.12
C SER D 157 -12.02 -25.15 -13.83
N SER D 158 -10.93 -24.69 -13.22
CA SER D 158 -10.40 -25.36 -12.05
C SER D 158 -10.90 -24.69 -10.78
N PRO D 159 -11.48 -25.44 -9.85
CA PRO D 159 -11.94 -24.84 -8.60
C PRO D 159 -10.78 -24.34 -7.75
N VAL D 160 -11.03 -23.25 -7.02
CA VAL D 160 -10.04 -22.60 -6.18
C VAL D 160 -10.55 -22.57 -4.75
N LYS D 161 -9.69 -22.96 -3.81
CA LYS D 161 -9.97 -22.91 -2.38
C LYS D 161 -9.15 -21.87 -1.64
N ALA D 162 -7.89 -21.68 -2.04
CA ALA D 162 -7.00 -20.76 -1.35
C ALA D 162 -7.29 -19.31 -1.75
N GLY D 163 -7.16 -18.40 -0.78
CA GLY D 163 -7.40 -17.01 -1.02
C GLY D 163 -8.86 -16.60 -1.03
N VAL D 164 -9.77 -17.47 -0.60
CA VAL D 164 -11.20 -17.20 -0.62
C VAL D 164 -11.64 -16.79 0.78
N GLU D 165 -12.39 -15.68 0.86
CA GLU D 165 -13.01 -15.23 2.09
C GLU D 165 -14.45 -14.84 1.80
N THR D 166 -15.38 -15.32 2.61
CA THR D 166 -16.81 -15.08 2.38
C THR D 166 -17.46 -14.68 3.70
N THR D 167 -18.26 -13.61 3.65
CA THR D 167 -18.99 -13.14 4.82
C THR D 167 -20.32 -13.87 4.95
N THR D 168 -20.82 -13.94 6.19
CA THR D 168 -22.12 -14.58 6.41
C THR D 168 -23.24 -13.60 6.03
N PRO D 169 -24.32 -14.10 5.42
CA PRO D 169 -25.37 -13.20 4.94
C PRO D 169 -25.97 -12.37 6.07
N SER D 170 -26.23 -11.10 5.77
CA SER D 170 -26.92 -10.20 6.69
C SER D 170 -27.92 -9.38 5.88
N LYS D 171 -28.88 -8.80 6.60
CA LYS D 171 -30.00 -8.14 5.95
C LYS D 171 -29.60 -6.80 5.32
N GLN D 172 -30.24 -6.50 4.20
CA GLN D 172 -30.14 -5.20 3.56
C GLN D 172 -31.18 -4.25 4.16
N SER D 173 -31.26 -3.04 3.60
CA SER D 173 -32.28 -2.10 4.05
C SER D 173 -33.69 -2.56 3.67
N ASN D 174 -33.84 -3.23 2.54
CA ASN D 174 -35.13 -3.74 2.09
C ASN D 174 -35.46 -5.11 2.65
N ASN D 175 -34.75 -5.54 3.70
CA ASN D 175 -35.00 -6.75 4.49
C ASN D 175 -34.64 -8.05 3.76
N LYS D 176 -34.07 -7.98 2.57
CA LYS D 176 -33.50 -9.16 1.94
C LYS D 176 -32.03 -9.28 2.35
N TYR D 177 -31.44 -10.44 2.05
CA TYR D 177 -30.09 -10.72 2.50
C TYR D 177 -29.06 -10.38 1.43
N ALA D 178 -27.85 -10.01 1.88
CA ALA D 178 -26.71 -9.78 1.01
C ALA D 178 -25.50 -10.51 1.58
N ALA D 179 -24.56 -10.82 0.70
CA ALA D 179 -23.31 -11.46 1.11
C ALA D 179 -22.22 -11.08 0.13
N SER D 180 -20.97 -11.24 0.57
CA SER D 180 -19.82 -10.90 -0.24
C SER D 180 -18.79 -12.02 -0.16
N SER D 181 -18.06 -12.19 -1.26
CA SER D 181 -16.97 -13.16 -1.32
C SER D 181 -15.79 -12.54 -2.05
N TYR D 182 -14.59 -12.79 -1.54
CA TYR D 182 -13.37 -12.23 -2.09
C TYR D 182 -12.41 -13.35 -2.49
N LEU D 183 -11.73 -13.15 -3.62
CA LEU D 183 -10.63 -14.02 -4.04
C LEU D 183 -9.41 -13.15 -4.20
N SER D 184 -8.44 -13.31 -3.31
CA SER D 184 -7.23 -12.51 -3.32
C SER D 184 -6.16 -13.23 -4.15
N LEU D 185 -5.67 -12.57 -5.19
CA LEU D 185 -4.69 -13.12 -6.10
C LEU D 185 -3.49 -12.20 -6.18
N THR D 186 -2.39 -12.75 -6.65
CA THR D 186 -1.30 -11.89 -7.10
C THR D 186 -1.64 -11.34 -8.49
N PRO D 187 -1.09 -10.18 -8.85
CA PRO D 187 -1.30 -9.70 -10.22
C PRO D 187 -0.84 -10.69 -11.27
N GLU D 188 0.16 -11.53 -10.95
CA GLU D 188 0.59 -12.56 -11.89
C GLU D 188 -0.46 -13.66 -12.01
N GLN D 189 -1.04 -14.09 -10.89
CA GLN D 189 -2.07 -15.11 -10.93
C GLN D 189 -3.30 -14.62 -11.70
N TRP D 190 -3.63 -13.33 -11.54
CA TRP D 190 -4.80 -12.79 -12.23
C TRP D 190 -4.63 -12.83 -13.74
N LYS D 191 -3.45 -12.47 -14.24
CA LYS D 191 -3.21 -12.36 -15.67
C LYS D 191 -2.74 -13.66 -16.31
N SER D 192 -2.50 -14.71 -15.54
CA SER D 192 -2.01 -15.97 -16.09
C SER D 192 -3.14 -16.94 -16.43
N HIS D 193 -4.40 -16.55 -16.26
CA HIS D 193 -5.54 -17.39 -16.58
C HIS D 193 -6.48 -16.64 -17.52
N ARG D 194 -7.24 -17.40 -18.31
CA ARG D 194 -8.17 -16.78 -19.25
C ARG D 194 -9.32 -16.09 -18.53
N SER D 195 -9.79 -16.67 -17.44
CA SER D 195 -10.95 -16.09 -16.75
C SER D 195 -11.04 -16.65 -15.33
N TYR D 196 -11.83 -15.95 -14.51
CA TYR D 196 -12.21 -16.38 -13.18
C TYR D 196 -13.71 -16.31 -13.05
N SER D 197 -14.29 -17.19 -12.22
CA SER D 197 -15.73 -17.28 -12.08
C SER D 197 -16.12 -17.37 -10.61
N CYS D 198 -17.22 -16.70 -10.27
CA CYS D 198 -17.85 -16.81 -8.96
C CYS D 198 -19.18 -17.52 -9.14
N GLN D 199 -19.34 -18.67 -8.48
CA GLN D 199 -20.55 -19.48 -8.62
C GLN D 199 -21.28 -19.49 -7.27
N VAL D 200 -22.52 -19.02 -7.29
CA VAL D 200 -23.35 -18.91 -6.09
C VAL D 200 -24.46 -19.95 -6.18
N THR D 201 -24.64 -20.71 -5.10
CA THR D 201 -25.71 -21.71 -5.01
C THR D 201 -26.67 -21.28 -3.91
N HIS D 202 -27.95 -21.14 -4.27
CA HIS D 202 -28.98 -20.71 -3.34
C HIS D 202 -30.22 -21.56 -3.54
N GLU D 203 -30.59 -22.33 -2.50
CA GLU D 203 -31.78 -23.16 -2.52
C GLU D 203 -31.79 -24.12 -3.70
N GLY D 204 -30.63 -24.71 -4.01
CA GLY D 204 -30.52 -25.67 -5.09
C GLY D 204 -30.32 -25.08 -6.47
N SER D 205 -30.40 -23.77 -6.63
CA SER D 205 -30.15 -23.11 -7.91
C SER D 205 -28.77 -22.45 -7.90
N THR D 206 -28.23 -22.26 -9.10
CA THR D 206 -26.86 -21.81 -9.27
C THR D 206 -26.80 -20.62 -10.23
N VAL D 207 -26.13 -19.55 -9.80
CA VAL D 207 -25.82 -18.40 -10.64
C VAL D 207 -24.30 -18.27 -10.73
N GLU D 208 -23.80 -18.05 -11.95
CA GLU D 208 -22.36 -17.97 -12.17
C GLU D 208 -22.03 -16.76 -13.03
N LYS D 209 -21.08 -15.95 -12.57
CA LYS D 209 -20.57 -14.80 -13.30
C LYS D 209 -19.08 -15.01 -13.57
N THR D 210 -18.60 -14.41 -14.66
CA THR D 210 -17.23 -14.61 -15.11
C THR D 210 -16.60 -13.29 -15.53
N VAL D 211 -15.34 -13.08 -15.13
CA VAL D 211 -14.55 -11.94 -15.56
C VAL D 211 -13.23 -12.45 -16.15
N ALA D 212 -12.63 -11.63 -17.01
CA ALA D 212 -11.39 -12.02 -17.67
C ALA D 212 -10.36 -10.92 -17.61
N PRO D 213 -9.07 -11.28 -17.63
CA PRO D 213 -8.02 -10.25 -17.68
C PRO D 213 -7.99 -9.45 -18.97
N THR D 214 -8.38 -10.05 -20.09
CA THR D 214 -8.24 -9.38 -21.38
C THR D 214 -9.34 -8.37 -21.67
N GLU D 215 -10.38 -8.32 -20.85
CA GLU D 215 -11.44 -7.34 -21.01
C GLU D 215 -11.33 -6.29 -19.91
N CYS D 216 -12.09 -5.20 -20.11
CA CYS D 216 -12.17 -4.03 -19.22
C CYS D 216 -11.53 -4.17 -17.84
#